data_7RBW
#
_entry.id   7RBW
#
_cell.length_a   72.069
_cell.length_b   75.910
_cell.length_c   143.751
_cell.angle_alpha   90.00
_cell.angle_beta   90.00
_cell.angle_gamma   90.00
#
_symmetry.space_group_name_H-M   'P 21 21 21'
#
loop_
_entity.id
_entity.type
_entity.pdbx_description
1 polymer 'Biliverdin bindin serpin'
2 non-polymer 'BILIVERDINE IX ALPHA'
3 water water
#
_entity_poly.entity_id   1
_entity_poly.type   'polypeptide(L)'
_entity_poly.pdbx_seq_one_letter_code
;MGSHHHHHHGRSHHEEGHHDHEDLKDDHDPFLPEDHKKALFVYQKPALNNINFAFKMYRQLARDHPTENIVISPVSISSA
LALLSLGAKGHTHSQIVERLGYNTSEIPEQQIHESFHKQLDVVDDKDRDLEFEHGNALFTCKEHKIHQTFLDDAKKFYHS
EVIPTDFKNTEEAKNQINSYVEKSTHGKITNILDSVDQDAMIALINFIYLRANWQHPFDEKLTKEGDFHVDKDTTVKVPF
MRRRGIYKMAYTDDIIMVTIPYNGSVEMFLAMTKMGKLSELEQNLNRERSLKWREIMQYQLIDLSLPKLSVSGILNLKET
LSKLGIVDVFSNHADLSGITDESHLKVSKAIHKAMMSFDEHGTEAAPATAAEADPLMLPPHFKFDYPFIFRVQDLKTKNP
LLVGRIANPQK
;
_entity_poly.pdbx_strand_id   A,B
#
loop_
_chem_comp.id
_chem_comp.type
_chem_comp.name
_chem_comp.formula
BLA non-polymer 'BILIVERDINE IX ALPHA' 'C33 H34 N4 O6'
#
# COMPACT_ATOMS: atom_id res chain seq x y z
N GLU A 22 3.77 54.07 39.17
CA GLU A 22 4.79 53.09 38.71
C GLU A 22 5.97 53.12 39.69
N ASP A 23 5.72 52.72 40.93
CA ASP A 23 6.81 52.62 41.94
C ASP A 23 7.31 51.17 41.92
N LEU A 24 7.48 50.58 40.74
CA LEU A 24 7.87 49.15 40.64
C LEU A 24 9.34 48.93 41.02
N LYS A 25 9.62 47.84 41.72
CA LYS A 25 10.96 47.51 42.18
C LYS A 25 11.94 47.40 41.03
N ASP A 26 11.50 46.86 39.88
CA ASP A 26 12.33 46.70 38.70
C ASP A 26 11.60 47.31 37.52
N ASP A 27 12.35 47.92 36.59
CA ASP A 27 11.74 48.52 35.41
C ASP A 27 11.32 47.47 34.38
N HIS A 28 11.86 46.27 34.45
CA HIS A 28 11.36 45.12 33.70
C HIS A 28 11.05 43.98 34.65
N ASP A 29 10.06 43.16 34.28
CA ASP A 29 9.68 41.99 35.08
C ASP A 29 10.88 41.05 35.21
N PRO A 30 11.43 40.89 36.43
CA PRO A 30 12.62 40.04 36.59
C PRO A 30 12.33 38.55 36.52
N PHE A 31 11.06 38.14 36.54
CA PHE A 31 10.70 36.73 36.45
C PHE A 31 10.41 36.28 35.02
N LEU A 32 10.22 37.21 34.09
CA LEU A 32 9.80 36.85 32.75
C LEU A 32 10.87 36.00 32.06
N PRO A 33 10.50 34.87 31.46
CA PRO A 33 11.51 34.03 30.80
C PRO A 33 11.96 34.64 29.48
N GLU A 34 12.99 34.02 28.91
CA GLU A 34 13.55 34.49 27.65
C GLU A 34 12.48 34.50 26.57
N ASP A 35 12.51 35.53 25.75
CA ASP A 35 11.61 35.64 24.61
C ASP A 35 12.08 34.70 23.50
N HIS A 36 11.13 33.96 22.91
CA HIS A 36 11.45 32.92 21.94
C HIS A 36 10.66 33.05 20.65
N LYS A 37 10.02 34.19 20.41
CA LYS A 37 9.30 34.38 19.17
C LYS A 37 10.27 34.36 18.00
N LYS A 38 9.80 33.85 16.86
CA LYS A 38 10.58 33.88 15.64
C LYS A 38 9.64 34.15 14.47
N ALA A 39 10.23 34.46 13.32
CA ALA A 39 9.41 34.69 12.13
C ALA A 39 8.82 33.37 11.64
N LEU A 40 7.81 33.49 10.81
CA LEU A 40 7.13 32.31 10.26
C LEU A 40 8.08 31.52 9.37
N PHE A 41 8.11 30.20 9.56
CA PHE A 41 8.89 29.34 8.70
C PHE A 41 8.43 29.45 7.26
N VAL A 42 9.30 29.92 6.38
CA VAL A 42 9.02 29.99 4.95
C VAL A 42 9.59 28.74 4.30
N TYR A 43 8.82 28.17 3.38
CA TYR A 43 9.17 26.89 2.76
C TYR A 43 9.22 27.06 1.24
N GLN A 44 10.24 26.48 0.63
CA GLN A 44 10.25 26.33 -0.82
C GLN A 44 9.52 25.06 -1.22
N LYS A 45 9.01 25.05 -2.45
CA LYS A 45 8.25 23.89 -2.91
C LYS A 45 9.05 22.59 -2.92
N PRO A 46 10.32 22.55 -3.36
CA PRO A 46 11.07 21.29 -3.26
C PRO A 46 11.12 20.74 -1.83
N ALA A 47 11.39 21.60 -0.85
CA ALA A 47 11.43 21.14 0.54
C ALA A 47 10.09 20.55 0.97
N LEU A 48 9.00 21.19 0.57
CA LEU A 48 7.67 20.68 0.93
C LEU A 48 7.42 19.32 0.31
N ASN A 49 7.81 19.13 -0.95
CA ASN A 49 7.68 17.82 -1.58
C ASN A 49 8.52 16.77 -0.85
N ASN A 50 9.76 17.11 -0.50
CA ASN A 50 10.59 16.16 0.22
C ASN A 50 10.04 15.87 1.61
N ILE A 51 9.44 16.87 2.26
CA ILE A 51 8.85 16.67 3.59
C ILE A 51 7.67 15.72 3.52
N ASN A 52 6.78 15.94 2.56
CA ASN A 52 5.61 15.07 2.42
C ASN A 52 6.01 13.66 1.98
N PHE A 53 7.06 13.55 1.16
CA PHE A 53 7.56 12.22 0.78
C PHE A 53 8.13 11.49 2.00
N ALA A 54 8.79 12.22 2.89
CA ALA A 54 9.33 11.61 4.11
C ALA A 54 8.21 10.96 4.93
N PHE A 55 7.09 11.67 5.12
CA PHE A 55 5.98 11.12 5.88
C PHE A 55 5.43 9.86 5.22
N LYS A 56 5.12 9.95 3.93
CA LYS A 56 4.60 8.81 3.17
C LYS A 56 5.53 7.61 3.32
N MET A 57 6.83 7.82 3.12
CA MET A 57 7.77 6.71 3.15
C MET A 57 7.92 6.13 4.55
N TYR A 58 8.00 6.99 5.58
CA TYR A 58 8.21 6.48 6.92
C TYR A 58 7.01 5.67 7.41
N ARG A 59 5.79 6.16 7.17
CA ARG A 59 4.61 5.41 7.60
C ARG A 59 4.62 4.01 7.04
N GLN A 60 4.99 3.87 5.76
CA GLN A 60 5.04 2.55 5.14
CA GLN A 60 5.04 2.55 5.14
C GLN A 60 6.16 1.71 5.74
N LEU A 61 7.34 2.30 5.91
CA LEU A 61 8.45 1.58 6.54
C LEU A 61 8.09 1.12 7.95
N ALA A 62 7.39 1.97 8.70
CA ALA A 62 7.01 1.61 10.06
C ALA A 62 6.00 0.47 10.07
N ARG A 63 5.20 0.34 9.02
CA ARG A 63 4.31 -0.81 8.91
C ARG A 63 5.10 -2.08 8.60
N ASP A 64 6.04 -1.99 7.65
CA ASP A 64 6.71 -3.16 7.09
C ASP A 64 7.84 -3.67 7.97
N HIS A 65 8.31 -2.89 8.94
CA HIS A 65 9.36 -3.30 9.86
C HIS A 65 8.89 -2.97 11.27
N PRO A 66 8.06 -3.83 11.85
CA PRO A 66 7.30 -3.43 13.04
C PRO A 66 8.13 -3.26 14.30
N THR A 67 9.24 -3.99 14.46
CA THR A 67 9.92 -4.05 15.75
C THR A 67 11.36 -3.54 15.75
N GLU A 68 11.96 -3.28 14.59
CA GLU A 68 13.38 -2.99 14.54
C GLU A 68 13.66 -1.50 14.62
N ASN A 69 14.93 -1.16 14.86
CA ASN A 69 15.39 0.19 14.67
C ASN A 69 15.23 0.59 13.21
N ILE A 70 14.82 1.84 12.99
CA ILE A 70 14.76 2.41 11.65
C ILE A 70 15.59 3.68 11.65
N VAL A 71 16.50 3.80 10.69
CA VAL A 71 17.30 5.01 10.50
C VAL A 71 17.38 5.24 9.01
N ILE A 72 16.73 6.29 8.52
CA ILE A 72 16.74 6.62 7.10
C ILE A 72 16.91 8.13 6.93
N SER A 73 17.53 8.51 5.83
CA SER A 73 17.64 9.91 5.42
C SER A 73 16.68 10.15 4.27
N PRO A 74 15.49 10.71 4.50
CA PRO A 74 14.55 10.90 3.39
C PRO A 74 15.08 11.81 2.29
N VAL A 75 15.73 12.92 2.64
CA VAL A 75 16.22 13.82 1.58
C VAL A 75 17.31 13.14 0.77
N SER A 76 18.09 12.24 1.38
CA SER A 76 19.14 11.56 0.63
C SER A 76 18.56 10.48 -0.28
N ILE A 77 17.48 9.84 0.14
CA ILE A 77 16.79 8.89 -0.74
C ILE A 77 16.16 9.62 -1.91
N SER A 78 15.47 10.73 -1.63
CA SER A 78 14.92 11.56 -2.70
C SER A 78 16.01 12.02 -3.66
N SER A 79 17.15 12.42 -3.12
CA SER A 79 18.26 12.88 -3.95
C SER A 79 18.75 11.78 -4.88
N ALA A 80 18.91 10.57 -4.34
CA ALA A 80 19.45 9.47 -5.14
C ALA A 80 18.52 9.11 -6.30
N LEU A 81 17.20 9.20 -6.07
CA LEU A 81 16.25 8.89 -7.12
C LEU A 81 16.17 10.00 -8.16
N ALA A 82 16.24 11.25 -7.70
CA ALA A 82 16.28 12.38 -8.63
C ALA A 82 17.51 12.29 -9.52
N LEU A 83 18.63 11.84 -8.97
CA LEU A 83 19.81 11.58 -9.80
C LEU A 83 19.53 10.46 -10.80
N LEU A 84 18.87 9.39 -10.36
CA LEU A 84 18.51 8.30 -11.26
C LEU A 84 17.61 8.80 -12.38
N SER A 85 16.73 9.76 -12.08
CA SER A 85 15.86 10.31 -13.11
C SER A 85 16.61 11.09 -14.18
N LEU A 86 17.83 11.55 -13.89
CA LEU A 86 18.65 12.19 -14.91
C LEU A 86 19.01 11.23 -16.04
N GLY A 87 19.20 9.96 -15.70
CA GLY A 87 19.50 8.94 -16.69
C GLY A 87 18.31 8.20 -17.23
N ALA A 88 17.11 8.53 -16.80
CA ALA A 88 15.90 7.86 -17.23
C ALA A 88 15.16 8.67 -18.29
N LYS A 89 14.38 7.99 -19.10
CA LYS A 89 13.55 8.63 -20.13
C LYS A 89 12.13 8.10 -20.03
N GLY A 90 11.23 8.78 -20.75
CA GLY A 90 9.87 8.30 -20.88
C GLY A 90 9.15 8.17 -19.55
N HIS A 91 8.33 7.11 -19.45
CA HIS A 91 7.55 6.89 -18.24
C HIS A 91 8.42 6.59 -17.04
N THR A 92 9.59 5.95 -17.25
CA THR A 92 10.50 5.69 -16.15
C THR A 92 10.93 6.98 -15.47
N HIS A 93 11.20 8.02 -16.28
CA HIS A 93 11.61 9.30 -15.71
C HIS A 93 10.45 10.01 -15.03
N SER A 94 9.32 10.15 -15.72
CA SER A 94 8.20 10.91 -15.17
C SER A 94 7.60 10.26 -13.92
N GLN A 95 7.68 8.93 -13.83
CA GLN A 95 7.16 8.25 -12.65
C GLN A 95 7.99 8.56 -11.41
N ILE A 96 9.33 8.58 -11.55
CA ILE A 96 10.18 8.92 -10.43
C ILE A 96 9.91 10.35 -9.97
N VAL A 97 9.87 11.29 -10.92
CA VAL A 97 9.65 12.69 -10.57
C VAL A 97 8.32 12.88 -9.87
N GLU A 98 7.27 12.21 -10.36
CA GLU A 98 5.94 12.40 -9.79
C GLU A 98 5.84 11.75 -8.41
N ARG A 99 6.33 10.52 -8.27
CA ARG A 99 6.20 9.81 -7.00
C ARG A 99 7.07 10.42 -5.91
N LEU A 100 8.12 11.15 -6.27
CA LEU A 100 8.85 11.94 -5.28
C LEU A 100 8.06 13.13 -4.79
N GLY A 101 6.94 13.46 -5.44
CA GLY A 101 6.07 14.54 -5.02
C GLY A 101 6.15 15.81 -5.85
N TYR A 102 6.92 15.81 -6.93
CA TYR A 102 7.13 17.01 -7.74
C TYR A 102 6.16 17.04 -8.91
N ASN A 103 5.58 18.21 -9.16
CA ASN A 103 4.72 18.44 -10.30
C ASN A 103 5.48 19.33 -11.28
N THR A 104 5.92 18.73 -12.39
CA THR A 104 6.72 19.46 -13.37
C THR A 104 5.94 20.55 -14.09
N SER A 105 4.63 20.63 -13.87
CA SER A 105 3.87 21.79 -14.33
C SER A 105 4.10 23.00 -13.44
N GLU A 106 4.64 22.80 -12.24
CA GLU A 106 4.95 23.89 -11.31
C GLU A 106 6.44 24.14 -11.18
N ILE A 107 7.26 23.09 -11.19
CA ILE A 107 8.70 23.20 -11.01
C ILE A 107 9.38 22.71 -12.28
N PRO A 108 10.15 23.54 -12.98
CA PRO A 108 10.96 23.02 -14.08
C PRO A 108 11.94 21.98 -13.57
N GLU A 109 12.22 20.98 -14.42
CA GLU A 109 12.97 19.81 -13.99
C GLU A 109 14.36 20.19 -13.49
N GLN A 110 15.00 21.18 -14.14
CA GLN A 110 16.33 21.56 -13.70
C GLN A 110 16.34 22.27 -12.36
N GLN A 111 15.23 22.89 -11.95
CA GLN A 111 15.15 23.44 -10.60
C GLN A 111 15.10 22.35 -9.54
N ILE A 112 14.61 21.16 -9.89
CA ILE A 112 14.66 20.03 -8.95
C ILE A 112 16.11 19.65 -8.69
N HIS A 113 16.89 19.47 -9.75
CA HIS A 113 18.29 19.09 -9.59
C HIS A 113 19.07 20.19 -8.89
N GLU A 114 18.76 21.46 -9.19
CA GLU A 114 19.41 22.56 -8.49
C GLU A 114 19.10 22.52 -7.00
N SER A 115 17.86 22.20 -6.63
CA SER A 115 17.48 22.18 -5.22
C SER A 115 18.24 21.10 -4.45
N PHE A 116 18.39 19.91 -5.05
CA PHE A 116 19.19 18.88 -4.39
C PHE A 116 20.66 19.24 -4.39
N HIS A 117 21.13 19.97 -5.40
CA HIS A 117 22.51 20.46 -5.41
C HIS A 117 22.75 21.44 -4.27
N LYS A 118 21.84 22.40 -4.11
CA LYS A 118 21.96 23.37 -3.03
C LYS A 118 21.98 22.69 -1.66
N GLN A 119 21.15 21.66 -1.48
CA GLN A 119 21.12 20.94 -0.21
C GLN A 119 22.47 20.31 0.10
N LEU A 120 23.16 19.80 -0.92
CA LEU A 120 24.50 19.26 -0.70
C LEU A 120 25.47 20.36 -0.30
N ASP A 121 25.38 21.53 -0.93
CA ASP A 121 26.34 22.59 -0.66
C ASP A 121 26.15 23.17 0.73
N VAL A 122 24.90 23.40 1.15
CA VAL A 122 24.66 24.01 2.45
C VAL A 122 25.03 23.06 3.58
N VAL A 123 24.92 21.75 3.35
CA VAL A 123 25.32 20.78 4.36
C VAL A 123 26.83 20.61 4.39
N ASP A 124 27.48 20.64 3.22
CA ASP A 124 28.93 20.52 3.16
C ASP A 124 29.64 21.83 3.50
N ASP A 125 28.91 22.92 3.67
CA ASP A 125 29.52 24.17 4.14
C ASP A 125 30.14 23.92 5.52
N LYS A 126 31.43 24.17 5.64
CA LYS A 126 32.17 23.86 6.85
C LYS A 126 32.28 25.04 7.80
N ASP A 127 31.99 26.26 7.34
CA ASP A 127 31.66 27.33 8.27
C ASP A 127 30.40 26.98 9.05
N ARG A 128 29.62 26.03 8.55
CA ARG A 128 28.54 25.41 9.29
C ARG A 128 29.09 24.23 10.09
N ASP A 129 28.79 24.22 11.39
CA ASP A 129 29.34 23.21 12.30
C ASP A 129 28.38 22.01 12.30
N LEU A 130 28.60 21.09 11.37
CA LEU A 130 27.73 19.93 11.20
C LEU A 130 28.57 18.70 10.98
N GLU A 131 28.27 17.62 11.72
CA GLU A 131 28.93 16.33 11.53
C GLU A 131 27.98 15.38 10.79
N PHE A 132 27.77 15.69 9.51
CA PHE A 132 26.81 14.98 8.66
C PHE A 132 27.56 14.49 7.43
N GLU A 133 28.00 13.23 7.45
CA GLU A 133 28.70 12.63 6.33
C GLU A 133 27.70 11.89 5.44
N HIS A 134 27.81 12.11 4.13
CA HIS A 134 26.86 11.56 3.18
C HIS A 134 27.61 11.12 1.92
N GLY A 135 26.99 10.21 1.19
CA GLY A 135 27.60 9.68 -0.02
C GLY A 135 26.58 8.99 -0.88
N ASN A 136 26.81 9.05 -2.19
CA ASN A 136 25.96 8.43 -3.19
C ASN A 136 26.83 7.99 -4.35
N ALA A 137 26.67 6.73 -4.78
CA ALA A 137 27.47 6.22 -5.88
C ALA A 137 26.66 5.20 -6.67
N LEU A 138 26.90 5.17 -7.98
CA LEU A 138 26.32 4.17 -8.86
C LEU A 138 27.45 3.27 -9.35
N PHE A 139 27.33 1.98 -9.08
CA PHE A 139 28.30 0.98 -9.54
C PHE A 139 27.70 0.25 -10.73
N THR A 140 28.39 0.32 -11.88
CA THR A 140 27.90 -0.23 -13.13
C THR A 140 28.87 -1.27 -13.67
N CYS A 141 28.45 -1.91 -14.77
CA CYS A 141 29.29 -2.92 -15.41
C CYS A 141 30.44 -2.25 -16.15
N LYS A 142 31.65 -2.81 -15.97
CA LYS A 142 32.83 -2.25 -16.61
C LYS A 142 32.72 -2.26 -18.13
N GLU A 143 32.12 -3.30 -18.69
CA GLU A 143 32.13 -3.52 -20.13
C GLU A 143 31.18 -2.61 -20.89
N HIS A 144 30.51 -1.66 -20.22
CA HIS A 144 29.60 -0.74 -20.90
C HIS A 144 30.00 0.70 -20.61
N LYS A 145 29.90 1.54 -21.65
CA LYS A 145 30.33 2.93 -21.59
C LYS A 145 29.18 3.79 -21.08
N ILE A 146 29.43 4.52 -20.01
CA ILE A 146 28.43 5.43 -19.46
C ILE A 146 28.43 6.71 -20.27
N HIS A 147 27.23 7.21 -20.59
CA HIS A 147 27.10 8.45 -21.36
C HIS A 147 27.75 9.61 -20.60
N GLN A 148 28.46 10.45 -21.34
CA GLN A 148 29.18 11.56 -20.71
C GLN A 148 28.23 12.57 -20.10
N THR A 149 27.07 12.80 -20.73
CA THR A 149 26.11 13.76 -20.18
C THR A 149 25.60 13.32 -18.81
N PHE A 150 25.45 12.01 -18.60
CA PHE A 150 25.06 11.53 -17.28
C PHE A 150 26.21 11.63 -16.29
N LEU A 151 27.42 11.27 -16.71
CA LEU A 151 28.59 11.45 -15.86
C LEU A 151 28.72 12.90 -15.41
N ASP A 152 28.50 13.84 -16.34
CA ASP A 152 28.66 15.26 -16.04
C ASP A 152 27.64 15.73 -15.01
N ASP A 153 26.36 15.39 -15.22
CA ASP A 153 25.31 15.86 -14.31
C ASP A 153 25.35 15.14 -12.97
N ALA A 154 25.71 13.86 -12.96
CA ALA A 154 25.83 13.14 -11.69
C ALA A 154 26.91 13.77 -10.81
N LYS A 155 28.02 14.20 -11.42
CA LYS A 155 29.07 14.88 -10.67
C LYS A 155 28.67 16.30 -10.33
N LYS A 156 28.10 17.04 -11.29
CA LYS A 156 27.82 18.46 -11.08
C LYS A 156 26.70 18.66 -10.07
N PHE A 157 25.55 18.02 -10.29
CA PHE A 157 24.38 18.28 -9.46
C PHE A 157 24.34 17.47 -8.18
N TYR A 158 24.93 16.27 -8.17
CA TYR A 158 24.77 15.35 -7.06
C TYR A 158 26.08 14.89 -6.43
N HIS A 159 27.23 15.38 -6.90
CA HIS A 159 28.53 14.99 -6.37
C HIS A 159 28.67 13.47 -6.30
N SER A 160 28.14 12.79 -7.31
CA SER A 160 28.04 11.34 -7.32
C SER A 160 28.92 10.77 -8.42
N GLU A 161 29.61 9.67 -8.11
CA GLU A 161 30.45 8.99 -9.06
C GLU A 161 29.74 7.76 -9.62
N VAL A 162 30.01 7.48 -10.89
CA VAL A 162 29.57 6.25 -11.54
C VAL A 162 30.82 5.40 -11.74
N ILE A 163 30.92 4.32 -10.99
CA ILE A 163 32.17 3.57 -10.83
C ILE A 163 32.04 2.25 -11.60
N PRO A 164 32.90 2.00 -12.59
CA PRO A 164 32.86 0.71 -13.27
C PRO A 164 33.22 -0.44 -12.33
N THR A 165 32.57 -1.59 -12.56
CA THR A 165 32.77 -2.76 -11.71
C THR A 165 32.59 -4.02 -12.56
N ASP A 166 33.06 -5.15 -12.02
CA ASP A 166 32.82 -6.47 -12.59
C ASP A 166 32.00 -7.28 -11.60
N PHE A 167 30.72 -7.43 -11.87
CA PHE A 167 29.85 -8.21 -11.00
C PHE A 167 29.98 -9.71 -11.22
N LYS A 168 30.50 -10.14 -12.37
CA LYS A 168 30.72 -11.57 -12.60
C LYS A 168 31.69 -12.14 -11.58
N ASN A 169 32.68 -11.36 -11.16
CA ASN A 169 33.51 -11.70 -10.00
C ASN A 169 32.86 -11.03 -8.81
N THR A 170 32.02 -11.79 -8.10
CA THR A 170 31.15 -11.20 -7.09
C THR A 170 31.95 -10.74 -5.87
N GLU A 171 33.01 -11.45 -5.50
CA GLU A 171 33.67 -11.18 -4.23
C GLU A 171 34.52 -9.91 -4.27
N GLU A 172 35.04 -9.53 -5.44
CA GLU A 172 35.79 -8.28 -5.50
C GLU A 172 34.85 -7.07 -5.44
N ALA A 173 33.64 -7.21 -6.01
CA ALA A 173 32.67 -6.12 -5.94
C ALA A 173 32.19 -5.89 -4.51
N LYS A 174 32.00 -6.97 -3.75
CA LYS A 174 31.64 -6.85 -2.34
C LYS A 174 32.68 -6.05 -1.58
N ASN A 175 33.95 -6.43 -1.71
CA ASN A 175 35.01 -5.72 -1.01
C ASN A 175 35.20 -4.31 -1.56
N GLN A 176 35.00 -4.11 -2.86
CA GLN A 176 35.21 -2.79 -3.46
C GLN A 176 34.10 -1.83 -3.07
N ILE A 177 32.85 -2.26 -3.15
CA ILE A 177 31.73 -1.39 -2.76
C ILE A 177 31.84 -1.03 -1.28
N ASN A 178 32.15 -2.03 -0.45
CA ASN A 178 32.24 -1.76 0.99
C ASN A 178 33.44 -0.87 1.31
N SER A 179 34.55 -1.06 0.60
CA SER A 179 35.71 -0.20 0.83
C SER A 179 35.45 1.23 0.38
N TYR A 180 34.67 1.40 -0.69
CA TYR A 180 34.28 2.75 -1.11
C TYR A 180 33.44 3.42 -0.03
N VAL A 181 32.48 2.70 0.53
CA VAL A 181 31.66 3.26 1.60
C VAL A 181 32.53 3.53 2.84
N GLU A 182 33.46 2.61 3.13
CA GLU A 182 34.36 2.82 4.26
C GLU A 182 35.22 4.06 4.05
N LYS A 183 35.71 4.27 2.83
CA LYS A 183 36.60 5.39 2.57
C LYS A 183 35.86 6.72 2.67
N SER A 184 34.68 6.82 2.08
CA SER A 184 33.96 8.09 2.06
C SER A 184 33.30 8.43 3.39
N THR A 185 33.08 7.45 4.25
CA THR A 185 32.59 7.72 5.60
C THR A 185 33.70 7.74 6.64
N HIS A 186 34.96 7.62 6.21
CA HIS A 186 36.11 7.62 7.11
C HIS A 186 35.98 6.55 8.18
N GLY A 187 35.58 5.35 7.75
CA GLY A 187 35.48 4.21 8.62
C GLY A 187 34.25 4.16 9.50
N LYS A 188 33.34 5.13 9.38
CA LYS A 188 32.15 5.11 10.24
C LYS A 188 31.14 4.07 9.75
N ILE A 189 31.02 3.88 8.45
CA ILE A 189 30.20 2.82 7.88
C ILE A 189 31.16 1.87 7.17
N THR A 190 31.41 0.72 7.79
CA THR A 190 32.40 -0.22 7.28
C THR A 190 31.82 -1.27 6.36
N ASN A 191 30.53 -1.57 6.50
CA ASN A 191 29.89 -2.61 5.70
C ASN A 191 28.53 -2.12 5.23
N ILE A 192 28.24 -2.33 3.96
CA ILE A 192 26.93 -1.99 3.40
C ILE A 192 26.34 -3.12 2.56
N LEU A 193 27.16 -4.05 2.07
CA LEU A 193 26.72 -5.05 1.10
C LEU A 193 27.25 -6.40 1.53
N ASP A 194 26.38 -7.40 1.59
CA ASP A 194 26.78 -8.75 1.96
C ASP A 194 27.11 -9.61 0.74
N SER A 195 26.34 -9.47 -0.34
CA SER A 195 26.60 -10.18 -1.58
C SER A 195 25.84 -9.48 -2.70
N VAL A 196 26.29 -9.72 -3.92
CA VAL A 196 25.66 -9.13 -5.11
C VAL A 196 25.56 -10.21 -6.18
N ASP A 197 24.46 -10.20 -6.92
CA ASP A 197 24.24 -11.18 -7.98
C ASP A 197 25.24 -10.95 -9.11
N GLN A 198 25.69 -12.06 -9.73
CA GLN A 198 26.64 -11.95 -10.82
C GLN A 198 26.04 -11.33 -12.08
N ASP A 199 24.71 -11.28 -12.16
CA ASP A 199 24.02 -10.68 -13.30
C ASP A 199 23.63 -9.22 -13.06
N ALA A 200 24.23 -8.57 -12.06
CA ALA A 200 23.84 -7.21 -11.72
C ALA A 200 24.31 -6.23 -12.79
N MET A 201 23.48 -5.21 -13.04
CA MET A 201 23.78 -4.17 -14.02
C MET A 201 24.15 -2.85 -13.35
N ILE A 202 23.29 -2.32 -12.49
CA ILE A 202 23.55 -1.09 -11.74
C ILE A 202 23.24 -1.37 -10.28
N ALA A 203 24.15 -0.95 -9.40
CA ALA A 203 23.96 -1.04 -7.95
C ALA A 203 24.00 0.37 -7.38
N LEU A 204 22.87 0.83 -6.84
CA LEU A 204 22.77 2.14 -6.21
C LEU A 204 23.15 2.00 -4.74
N ILE A 205 24.16 2.76 -4.31
CA ILE A 205 24.67 2.69 -2.95
C ILE A 205 24.60 4.08 -2.35
N ASN A 206 23.85 4.21 -1.26
CA ASN A 206 23.56 5.49 -0.62
C ASN A 206 23.69 5.33 0.89
N PHE A 207 24.46 6.21 1.52
CA PHE A 207 24.79 6.02 2.92
C PHE A 207 24.88 7.37 3.63
N ILE A 208 24.61 7.34 4.94
CA ILE A 208 24.56 8.53 5.78
C ILE A 208 25.10 8.19 7.17
N TYR A 209 25.96 9.06 7.71
CA TYR A 209 26.33 9.02 9.11
C TYR A 209 26.10 10.38 9.74
N LEU A 210 25.42 10.41 10.87
CA LEU A 210 25.14 11.64 11.60
C LEU A 210 25.50 11.48 13.07
N ARG A 211 26.34 12.37 13.57
CA ARG A 211 26.63 12.46 15.00
C ARG A 211 25.95 13.71 15.54
N ALA A 212 25.11 13.53 16.56
CA ALA A 212 24.43 14.67 17.16
C ALA A 212 25.43 15.61 17.82
N ASN A 213 25.52 16.83 17.31
CA ASN A 213 26.40 17.86 17.86
C ASN A 213 25.53 18.84 18.64
N TRP A 214 25.23 18.48 19.89
CA TRP A 214 24.31 19.26 20.71
C TRP A 214 24.74 20.71 20.84
N GLN A 215 23.79 21.62 20.67
CA GLN A 215 24.05 23.02 20.96
C GLN A 215 24.44 23.20 22.42
N HIS A 216 23.83 22.41 23.31
CA HIS A 216 24.18 22.39 24.74
C HIS A 216 24.59 20.98 25.10
N PRO A 217 25.89 20.69 25.18
CA PRO A 217 26.34 19.30 25.37
C PRO A 217 26.00 18.79 26.76
N PHE A 218 26.09 17.47 26.90
CA PHE A 218 25.84 16.80 28.18
C PHE A 218 27.11 16.68 28.99
N ASP A 219 26.95 16.58 30.30
CA ASP A 219 28.07 16.36 31.22
C ASP A 219 28.26 14.86 31.41
N GLU A 220 29.45 14.36 31.03
CA GLU A 220 29.73 12.95 31.19
C GLU A 220 29.68 12.53 32.66
N LYS A 221 29.94 13.45 33.59
CA LYS A 221 29.85 13.12 35.01
C LYS A 221 28.43 12.75 35.42
N LEU A 222 27.43 13.26 34.71
CA LEU A 222 26.03 12.99 35.05
C LEU A 222 25.46 11.79 34.29
N THR A 223 26.23 11.16 33.43
CA THR A 223 25.76 9.99 32.69
C THR A 223 25.72 8.77 33.61
N LYS A 224 24.56 8.11 33.66
CA LYS A 224 24.37 6.93 34.49
C LYS A 224 23.78 5.80 33.65
N GLU A 225 24.03 4.56 34.09
CA GLU A 225 23.39 3.41 33.49
C GLU A 225 21.95 3.32 33.95
N GLY A 226 21.05 3.00 33.01
CA GLY A 226 19.64 2.90 33.31
C GLY A 226 18.98 1.84 32.48
N ASP A 227 17.67 1.66 32.71
CA ASP A 227 16.87 0.70 31.97
C ASP A 227 16.29 1.34 30.73
N PHE A 228 16.49 0.70 29.58
CA PHE A 228 15.70 0.98 28.38
C PHE A 228 14.75 -0.18 28.16
N HIS A 229 13.47 0.12 28.00
CA HIS A 229 12.44 -0.90 27.88
C HIS A 229 12.21 -1.18 26.39
N VAL A 230 12.64 -2.35 25.92
CA VAL A 230 12.47 -2.70 24.52
C VAL A 230 11.00 -3.04 24.23
N ASP A 231 10.35 -3.74 25.13
CA ASP A 231 8.93 -4.04 25.02
C ASP A 231 8.38 -4.31 26.42
N LYS A 232 7.14 -4.79 26.48
CA LYS A 232 6.45 -4.94 27.77
C LYS A 232 7.14 -5.92 28.71
N ASP A 233 8.05 -6.76 28.20
CA ASP A 233 8.75 -7.73 29.05
C ASP A 233 10.25 -7.80 28.79
N THR A 234 10.81 -6.89 28.02
CA THR A 234 12.24 -6.91 27.71
C THR A 234 12.87 -5.56 28.05
N THR A 235 13.93 -5.60 28.85
CA THR A 235 14.63 -4.41 29.32
C THR A 235 16.13 -4.62 29.12
N VAL A 236 16.81 -3.59 28.63
CA VAL A 236 18.26 -3.63 28.44
C VAL A 236 18.89 -2.45 29.17
N LYS A 237 20.16 -2.61 29.53
CA LYS A 237 20.90 -1.61 30.29
C LYS A 237 21.73 -0.76 29.34
N VAL A 238 21.53 0.55 29.38
CA VAL A 238 22.27 1.47 28.52
C VAL A 238 22.65 2.71 29.31
N PRO A 239 23.73 3.37 28.93
CA PRO A 239 24.07 4.66 29.55
C PRO A 239 23.08 5.75 29.15
N PHE A 240 22.66 6.53 30.15
CA PHE A 240 21.72 7.61 29.96
C PHE A 240 22.41 8.94 30.25
N MET A 241 22.39 9.83 29.28
CA MET A 241 22.88 11.19 29.45
C MET A 241 21.77 12.04 30.05
N ARG A 242 22.14 12.97 30.94
CA ARG A 242 21.15 13.76 31.66
C ARG A 242 21.56 15.22 31.72
N ARG A 243 20.64 16.10 31.32
CA ARG A 243 20.90 17.56 31.36
C ARG A 243 19.63 18.33 31.74
N ARG A 244 19.81 19.37 32.54
CA ARG A 244 18.73 20.28 32.91
C ARG A 244 18.84 21.55 32.07
N GLY A 245 17.77 21.92 31.40
CA GLY A 245 17.80 23.10 30.56
C GLY A 245 16.44 23.40 29.97
N ILE A 246 16.39 24.50 29.23
CA ILE A 246 15.16 24.96 28.60
C ILE A 246 15.08 24.38 27.20
N TYR A 247 14.02 23.60 26.94
CA TYR A 247 13.79 22.99 25.64
C TYR A 247 12.34 23.22 25.23
N LYS A 248 12.12 23.36 23.93
CA LYS A 248 10.77 23.32 23.39
C LYS A 248 10.21 21.91 23.57
N MET A 249 9.05 21.81 24.20
CA MET A 249 8.53 20.52 24.62
C MET A 249 7.02 20.55 24.65
N ALA A 250 6.43 19.36 24.70
CA ALA A 250 5.01 19.19 24.96
C ALA A 250 4.82 17.81 25.58
N TYR A 251 3.74 17.66 26.33
CA TYR A 251 3.47 16.38 26.98
C TYR A 251 2.00 16.28 27.32
N THR A 252 1.48 15.05 27.23
CA THR A 252 0.20 14.70 27.82
C THR A 252 0.43 13.50 28.73
N ASP A 253 -0.65 12.83 29.13
CA ASP A 253 -0.49 11.58 29.86
C ASP A 253 -0.04 10.44 28.97
N ASP A 254 -0.10 10.59 27.64
CA ASP A 254 0.17 9.50 26.71
C ASP A 254 1.39 9.72 25.82
N ILE A 255 1.99 10.91 25.83
CA ILE A 255 3.08 11.21 24.91
C ILE A 255 3.92 12.33 25.50
N ILE A 256 5.22 12.29 25.19
CA ILE A 256 6.12 13.41 25.43
C ILE A 256 6.89 13.69 24.14
N MET A 257 7.20 14.96 23.90
CA MET A 257 7.97 15.32 22.72
C MET A 257 8.86 16.51 23.05
N VAL A 258 10.04 16.54 22.44
CA VAL A 258 11.02 17.58 22.70
C VAL A 258 11.76 17.87 21.41
N THR A 259 12.17 19.12 21.24
CA THR A 259 13.05 19.55 20.16
C THR A 259 14.39 19.94 20.75
N ILE A 260 15.47 19.34 20.23
CA ILE A 260 16.82 19.54 20.75
C ILE A 260 17.67 20.15 19.65
N PRO A 261 18.13 21.39 19.80
CA PRO A 261 18.94 22.00 18.74
C PRO A 261 20.35 21.41 18.70
N TYR A 262 20.84 21.20 17.49
CA TYR A 262 22.26 21.02 17.27
C TYR A 262 22.89 22.38 17.00
N ASN A 263 24.22 22.41 16.96
CA ASN A 263 24.87 23.56 16.35
C ASN A 263 24.69 23.51 14.84
N GLY A 264 24.84 24.67 14.21
CA GLY A 264 24.77 24.74 12.76
C GLY A 264 23.37 24.70 12.18
N SER A 265 22.37 25.22 12.91
CA SER A 265 21.02 25.40 12.38
C SER A 265 20.39 24.07 11.99
N VAL A 266 20.42 23.12 12.92
CA VAL A 266 19.80 21.81 12.76
C VAL A 266 19.13 21.47 14.08
N GLU A 267 17.91 20.94 14.03
CA GLU A 267 17.18 20.57 15.22
C GLU A 267 16.69 19.13 15.12
N MET A 268 16.78 18.41 16.23
CA MET A 268 16.27 17.04 16.33
C MET A 268 14.99 17.05 17.14
N PHE A 269 13.94 16.46 16.58
CA PHE A 269 12.69 16.28 17.29
C PHE A 269 12.57 14.83 17.77
N LEU A 270 12.12 14.65 19.00
CA LEU A 270 11.92 13.34 19.59
C LEU A 270 10.49 13.22 20.11
N ALA A 271 9.89 12.05 19.94
CA ALA A 271 8.55 11.79 20.45
C ALA A 271 8.47 10.37 21.01
N MET A 272 7.80 10.22 22.14
CA MET A 272 7.70 8.95 22.85
C MET A 272 6.30 8.73 23.38
N THR A 273 5.80 7.51 23.23
CA THR A 273 4.51 7.10 23.74
C THR A 273 4.68 6.04 24.82
N LYS A 274 3.56 5.66 25.43
CA LYS A 274 3.57 4.53 26.34
C LYS A 274 3.93 3.25 25.59
N MET A 275 4.29 2.24 26.37
CA MET A 275 4.75 0.96 25.81
C MET A 275 3.70 0.37 24.89
N GLY A 276 4.09 0.10 23.65
CA GLY A 276 3.20 -0.52 22.68
C GLY A 276 2.30 0.44 21.92
N LYS A 277 2.37 1.73 22.20
CA LYS A 277 1.55 2.72 21.52
C LYS A 277 2.30 3.46 20.42
N LEU A 278 3.59 3.19 20.24
CA LEU A 278 4.37 3.94 19.26
C LEU A 278 3.84 3.74 17.85
N SER A 279 3.32 2.56 17.54
CA SER A 279 2.75 2.32 16.21
C SER A 279 1.54 3.22 15.96
N GLU A 280 0.73 3.45 17.01
CA GLU A 280 -0.40 4.36 16.88
C GLU A 280 0.05 5.77 16.54
N LEU A 281 1.23 6.17 17.03
CA LEU A 281 1.77 7.48 16.68
C LEU A 281 2.31 7.47 15.25
N GLU A 282 3.11 6.46 14.91
CA GLU A 282 3.78 6.46 13.61
C GLU A 282 2.80 6.42 12.45
N GLN A 283 1.71 5.68 12.60
CA GLN A 283 0.75 5.56 11.51
C GLN A 283 -0.20 6.75 11.41
N ASN A 284 -0.04 7.76 12.26
CA ASN A 284 -0.87 8.96 12.21
C ASN A 284 -0.06 10.21 11.86
N LEU A 285 1.22 10.06 11.53
CA LEU A 285 2.08 11.20 11.27
C LEU A 285 1.76 11.83 9.91
N ASN A 286 1.65 13.16 9.89
CA ASN A 286 1.68 13.91 8.65
C ASN A 286 2.08 15.35 8.97
N ARG A 287 2.23 16.17 7.93
CA ARG A 287 2.72 17.52 8.12
C ARG A 287 1.70 18.39 8.84
N GLU A 288 0.42 18.26 8.48
CA GLU A 288 -0.62 19.09 9.08
C GLU A 288 -0.69 18.87 10.59
N ARG A 289 -0.60 17.61 11.03
CA ARG A 289 -0.64 17.33 12.46
C ARG A 289 0.67 17.73 13.14
N SER A 290 1.78 17.65 12.41
CA SER A 290 3.05 18.16 12.92
C SER A 290 2.98 19.65 13.22
N LEU A 291 2.40 20.43 12.30
CA LEU A 291 2.30 21.86 12.50
C LEU A 291 1.40 22.20 13.69
N LYS A 292 0.37 21.39 13.93
CA LYS A 292 -0.49 21.63 15.08
C LYS A 292 0.27 21.42 16.38
N TRP A 293 1.09 20.36 16.45
CA TRP A 293 1.88 20.14 17.65
C TRP A 293 2.98 21.19 17.81
N ARG A 294 3.50 21.71 16.70
CA ARG A 294 4.49 22.79 16.78
C ARG A 294 3.94 24.00 17.53
N GLU A 295 2.66 24.31 17.33
CA GLU A 295 2.05 25.43 18.03
C GLU A 295 1.79 25.11 19.50
N ILE A 296 1.59 23.84 19.83
CA ILE A 296 1.32 23.46 21.21
C ILE A 296 2.61 23.49 22.04
N MET A 297 3.72 23.06 21.45
CA MET A 297 4.98 23.02 22.18
C MET A 297 5.41 24.41 22.62
N GLN A 298 6.04 24.47 23.80
CA GLN A 298 6.55 25.70 24.35
C GLN A 298 7.92 25.43 24.96
N TYR A 299 8.73 26.48 25.06
CA TYR A 299 10.02 26.37 25.71
C TYR A 299 9.82 26.30 27.22
N GLN A 300 10.27 25.21 27.84
CA GLN A 300 10.11 25.03 29.27
C GLN A 300 11.40 24.49 29.86
N LEU A 301 11.58 24.73 31.15
CA LEU A 301 12.66 24.12 31.90
C LEU A 301 12.32 22.66 32.16
N ILE A 302 13.19 21.75 31.71
CA ILE A 302 12.96 20.32 31.85
C ILE A 302 14.27 19.64 32.21
N ASP A 303 14.16 18.41 32.71
CA ASP A 303 15.28 17.49 32.80
C ASP A 303 15.19 16.55 31.61
N LEU A 304 16.25 16.46 30.82
CA LEU A 304 16.26 15.67 29.60
C LEU A 304 17.26 14.53 29.75
N SER A 305 16.76 13.30 29.61
CA SER A 305 17.60 12.10 29.68
C SER A 305 17.56 11.40 28.33
N LEU A 306 18.74 11.19 27.74
CA LEU A 306 18.87 10.56 26.43
C LEU A 306 19.78 9.34 26.53
N PRO A 307 19.39 8.22 25.93
CA PRO A 307 20.30 7.06 25.91
C PRO A 307 21.50 7.34 25.01
N LYS A 308 22.69 7.04 25.50
CA LYS A 308 23.85 6.97 24.62
C LYS A 308 23.62 5.86 23.61
N LEU A 309 24.04 6.10 22.38
CA LEU A 309 23.42 5.35 21.29
C LEU A 309 24.30 5.41 20.06
N SER A 310 24.25 4.33 19.27
CA SER A 310 24.93 4.27 17.97
C SER A 310 24.19 3.19 17.16
N VAL A 311 23.18 3.63 16.42
CA VAL A 311 22.19 2.73 15.83
C VAL A 311 22.26 2.84 14.31
N SER A 312 22.06 1.70 13.64
CA SER A 312 22.17 1.59 12.19
C SER A 312 20.85 1.09 11.59
N GLY A 313 20.58 1.55 10.37
CA GLY A 313 19.47 1.04 9.60
C GLY A 313 19.88 0.76 8.17
N ILE A 314 19.54 -0.42 7.66
CA ILE A 314 19.84 -0.80 6.28
C ILE A 314 18.51 -0.98 5.54
N LEU A 315 18.41 -0.38 4.37
CA LEU A 315 17.16 -0.34 3.61
C LEU A 315 17.38 -0.93 2.22
N ASN A 316 16.55 -1.90 1.86
CA ASN A 316 16.45 -2.36 0.48
C ASN A 316 15.50 -1.42 -0.23
N LEU A 317 16.06 -0.48 -1.01
CA LEU A 317 15.24 0.55 -1.63
C LEU A 317 14.33 0.01 -2.72
N LYS A 318 14.63 -1.17 -3.28
CA LYS A 318 13.77 -1.72 -4.32
C LYS A 318 12.39 -2.04 -3.77
N GLU A 319 12.33 -2.79 -2.67
CA GLU A 319 11.04 -3.17 -2.09
C GLU A 319 10.30 -1.95 -1.54
N THR A 320 11.02 -1.04 -0.89
CA THR A 320 10.38 0.10 -0.28
C THR A 320 9.81 1.07 -1.31
N LEU A 321 10.61 1.41 -2.31
CA LEU A 321 10.18 2.39 -3.31
C LEU A 321 9.12 1.82 -4.24
N SER A 322 9.14 0.51 -4.47
CA SER A 322 8.10 -0.11 -5.29
C SER A 322 6.73 0.04 -4.65
N LYS A 323 6.65 -0.16 -3.33
CA LYS A 323 5.40 0.07 -2.62
C LYS A 323 4.97 1.53 -2.69
N LEU A 324 5.90 2.44 -2.95
CA LEU A 324 5.58 3.86 -3.09
C LEU A 324 5.31 4.27 -4.52
N GLY A 325 5.29 3.33 -5.47
CA GLY A 325 4.96 3.63 -6.85
C GLY A 325 6.14 3.77 -7.80
N ILE A 326 7.37 3.70 -7.30
CA ILE A 326 8.56 3.76 -8.15
C ILE A 326 8.92 2.33 -8.52
N VAL A 327 8.53 1.92 -9.71
CA VAL A 327 8.63 0.53 -10.15
C VAL A 327 9.43 0.38 -11.44
N ASP A 328 9.20 1.28 -12.41
CA ASP A 328 9.81 1.11 -13.73
C ASP A 328 11.32 0.99 -13.66
N VAL A 329 11.97 1.83 -12.85
CA VAL A 329 13.43 1.88 -12.83
C VAL A 329 14.03 0.57 -12.34
N PHE A 330 13.29 -0.22 -11.57
CA PHE A 330 13.74 -1.52 -11.10
C PHE A 330 13.23 -2.68 -11.95
N SER A 331 12.55 -2.38 -13.05
CA SER A 331 11.85 -3.39 -13.82
C SER A 331 12.61 -3.79 -15.08
N ASN A 332 12.10 -4.82 -15.75
CA ASN A 332 12.64 -5.29 -17.01
C ASN A 332 12.22 -4.44 -18.20
N HIS A 333 11.52 -3.33 -17.96
CA HIS A 333 11.21 -2.37 -19.00
C HIS A 333 11.71 -0.97 -18.64
N ALA A 334 12.66 -0.89 -17.71
CA ALA A 334 13.28 0.39 -17.37
C ALA A 334 13.90 1.02 -18.61
N ASP A 335 13.67 2.32 -18.77
CA ASP A 335 14.30 3.09 -19.84
C ASP A 335 15.36 3.94 -19.14
N LEU A 336 16.57 3.39 -19.06
CA LEU A 336 17.73 4.09 -18.50
C LEU A 336 18.76 4.40 -19.58
N SER A 337 18.30 4.68 -20.80
CA SER A 337 19.20 4.95 -21.92
C SER A 337 19.95 6.26 -21.77
N GLY A 338 19.62 7.07 -20.74
CA GLY A 338 20.45 8.22 -20.43
C GLY A 338 21.76 7.87 -19.76
N ILE A 339 21.89 6.65 -19.25
CA ILE A 339 23.12 6.19 -18.62
C ILE A 339 23.97 5.38 -19.58
N THR A 340 23.39 4.33 -20.18
CA THR A 340 24.10 3.49 -21.13
C THR A 340 23.09 2.98 -22.14
N ASP A 341 23.57 2.65 -23.34
CA ASP A 341 22.74 2.09 -24.39
C ASP A 341 22.63 0.57 -24.31
N GLU A 342 22.91 -0.02 -23.16
CA GLU A 342 22.64 -1.45 -22.98
C GLU A 342 21.14 -1.70 -23.10
N SER A 343 20.80 -2.87 -23.67
CA SER A 343 19.41 -3.19 -24.02
C SER A 343 18.48 -3.07 -22.83
N HIS A 344 18.64 -3.95 -21.83
CA HIS A 344 17.69 -4.02 -20.74
C HIS A 344 18.31 -3.54 -19.43
N LEU A 345 18.98 -2.39 -19.49
CA LEU A 345 19.63 -1.83 -18.30
C LEU A 345 18.60 -1.49 -17.24
N LYS A 346 18.84 -1.95 -16.01
CA LYS A 346 17.97 -1.64 -14.90
C LYS A 346 18.78 -1.63 -13.61
N VAL A 347 18.24 -0.96 -12.60
CA VAL A 347 18.83 -0.95 -11.27
C VAL A 347 18.54 -2.29 -10.62
N SER A 348 19.56 -3.13 -10.48
CA SER A 348 19.40 -4.47 -9.89
C SER A 348 19.48 -4.44 -8.37
N LYS A 349 20.19 -3.48 -7.79
CA LYS A 349 20.36 -3.38 -6.35
C LYS A 349 20.33 -1.92 -5.94
N ALA A 350 19.60 -1.63 -4.86
CA ALA A 350 19.49 -0.26 -4.35
C ALA A 350 19.46 -0.33 -2.83
N ILE A 351 20.52 0.17 -2.20
CA ILE A 351 20.72 0.03 -0.76
C ILE A 351 20.88 1.42 -0.14
N HIS A 352 20.22 1.61 1.00
CA HIS A 352 20.36 2.83 1.80
C HIS A 352 20.72 2.42 3.22
N LYS A 353 21.88 2.86 3.70
CA LYS A 353 22.30 2.61 5.06
C LYS A 353 22.52 3.93 5.78
N ALA A 354 21.94 4.07 6.96
CA ALA A 354 22.07 5.29 7.75
C ALA A 354 22.50 4.94 9.16
N MET A 355 23.37 5.76 9.74
CA MET A 355 23.88 5.57 11.09
C MET A 355 23.69 6.86 11.87
N MET A 356 23.27 6.74 13.13
CA MET A 356 23.16 7.90 14.00
C MET A 356 23.79 7.56 15.35
N SER A 357 24.51 8.54 15.92
CA SER A 357 25.28 8.34 17.14
C SER A 357 24.92 9.43 18.15
N PHE A 358 24.65 9.03 19.39
CA PHE A 358 24.41 9.93 20.50
C PHE A 358 25.54 9.79 21.50
N ASP A 359 26.28 10.87 21.73
CA ASP A 359 27.29 10.92 22.78
C ASP A 359 27.21 12.27 23.47
N GLU A 360 28.10 12.50 24.45
CA GLU A 360 27.95 13.64 25.34
C GLU A 360 28.29 14.96 24.66
N HIS A 361 29.46 15.04 24.04
CA HIS A 361 29.94 16.27 23.40
C HIS A 361 30.07 16.01 21.91
N GLY A 362 29.05 16.35 21.14
CA GLY A 362 29.08 16.18 19.70
C GLY A 362 30.10 17.05 19.01
N GLU A 372 24.47 27.13 39.68
CA GLU A 372 23.37 26.32 39.14
C GLU A 372 22.46 25.86 40.27
N ALA A 373 21.84 26.81 40.96
CA ALA A 373 21.05 26.50 42.14
C ALA A 373 19.84 25.64 41.79
N ASP A 374 19.20 25.12 42.83
CA ASP A 374 18.04 24.25 42.65
C ASP A 374 16.83 25.06 42.21
N PRO A 375 16.02 24.54 41.28
CA PRO A 375 14.78 25.22 40.93
C PRO A 375 13.75 25.12 42.04
N LEU A 376 12.79 26.04 42.01
CA LEU A 376 11.73 26.05 43.01
C LEU A 376 10.89 24.78 42.93
N MET A 377 10.52 24.38 41.72
CA MET A 377 9.81 23.15 41.45
C MET A 377 10.70 22.18 40.69
N LEU A 378 10.63 20.90 41.06
CA LEU A 378 11.32 19.87 40.30
C LEU A 378 10.79 19.83 38.87
N PRO A 379 11.63 20.07 37.87
CA PRO A 379 11.15 20.12 36.48
C PRO A 379 10.67 18.75 36.03
N PRO A 380 9.79 18.71 35.03
CA PRO A 380 9.42 17.40 34.46
C PRO A 380 10.64 16.73 33.85
N HIS A 381 10.73 15.41 34.02
CA HIS A 381 11.87 14.63 33.57
C HIS A 381 11.47 13.90 32.28
N PHE A 382 11.92 14.45 31.15
CA PHE A 382 11.76 13.82 29.85
C PHE A 382 12.83 12.76 29.69
N LYS A 383 12.53 11.54 30.11
CA LYS A 383 13.46 10.42 29.97
C LYS A 383 12.99 9.53 28.83
N PHE A 384 13.84 9.37 27.82
CA PHE A 384 13.51 8.57 26.66
C PHE A 384 14.07 7.16 26.84
N ASP A 385 13.42 6.42 27.73
CA ASP A 385 13.76 5.03 28.02
C ASP A 385 12.75 4.04 27.45
N TYR A 386 11.81 4.50 26.62
CA TYR A 386 10.88 3.67 25.88
C TYR A 386 11.11 3.92 24.39
N PRO A 387 10.67 3.01 23.52
CA PRO A 387 10.84 3.23 22.08
C PRO A 387 10.31 4.59 21.66
N PHE A 388 11.14 5.32 20.91
CA PHE A 388 10.79 6.68 20.50
C PHE A 388 11.19 6.88 19.04
N ILE A 389 10.60 7.92 18.45
CA ILE A 389 10.90 8.29 17.06
C ILE A 389 11.69 9.58 17.08
N PHE A 390 12.46 9.80 16.03
CA PHE A 390 13.31 10.98 15.94
C PHE A 390 13.23 11.58 14.55
N ARG A 391 13.47 12.88 14.50
CA ARG A 391 13.49 13.58 13.19
C ARG A 391 14.55 14.68 13.26
N VAL A 392 15.54 14.62 12.39
CA VAL A 392 16.58 15.65 12.27
C VAL A 392 16.25 16.50 11.06
N GLN A 393 16.13 17.82 11.26
CA GLN A 393 15.74 18.74 10.20
C GLN A 393 16.80 19.81 10.00
N ASP A 394 17.16 20.06 8.75
CA ASP A 394 17.99 21.19 8.37
C ASP A 394 17.14 22.46 8.43
N LEU A 395 17.49 23.39 9.32
CA LEU A 395 16.66 24.58 9.46
C LEU A 395 16.84 25.58 8.32
N LYS A 396 17.96 25.50 7.58
CA LYS A 396 18.15 26.40 6.46
C LYS A 396 17.29 26.01 5.26
N THR A 397 17.19 24.71 4.99
CA THR A 397 16.42 24.22 3.84
C THR A 397 15.06 23.64 4.21
N LYS A 398 14.86 23.27 5.48
CA LYS A 398 13.68 22.58 6.01
C LYS A 398 13.62 21.11 5.60
N ASN A 399 14.64 20.60 4.91
CA ASN A 399 14.60 19.21 4.47
C ASN A 399 14.81 18.25 5.63
N PRO A 400 14.16 17.08 5.58
CA PRO A 400 14.40 16.05 6.60
C PRO A 400 15.72 15.33 6.37
N LEU A 401 16.70 15.60 7.21
CA LEU A 401 18.02 14.99 7.07
C LEU A 401 18.04 13.53 7.51
N LEU A 402 17.24 13.19 8.52
CA LEU A 402 17.25 11.85 9.11
C LEU A 402 16.00 11.69 9.95
N VAL A 403 15.35 10.53 9.82
CA VAL A 403 14.19 10.18 10.63
C VAL A 403 14.30 8.70 10.96
N GLY A 404 13.53 8.28 11.95
CA GLY A 404 13.46 6.85 12.21
C GLY A 404 12.91 6.55 13.59
N ARG A 405 13.20 5.33 14.05
CA ARG A 405 12.69 4.79 15.30
C ARG A 405 13.83 4.18 16.09
N ILE A 406 13.92 4.54 17.37
CA ILE A 406 14.88 3.90 18.28
C ILE A 406 14.07 2.90 19.09
N ALA A 407 14.07 1.65 18.62
CA ALA A 407 13.39 0.57 19.33
C ALA A 407 14.29 -0.15 20.31
N ASN A 408 15.61 -0.07 20.11
CA ASN A 408 16.59 -0.73 20.97
C ASN A 408 17.95 -0.08 20.75
N PRO A 409 18.46 0.70 21.72
CA PRO A 409 19.74 1.38 21.53
C PRO A 409 20.93 0.44 21.55
N GLN A 410 20.68 -0.86 21.63
CA GLN A 410 21.70 -1.89 21.55
C GLN A 410 21.68 -2.63 20.22
N LYS A 411 21.26 -1.94 19.16
CA LYS A 411 20.96 -2.52 17.84
C LYS A 411 19.80 -3.51 17.95
N ASP B 23 -11.11 -43.39 -51.17
CA ASP B 23 -10.68 -44.74 -50.83
C ASP B 23 -10.20 -44.82 -49.39
N LEU B 24 -11.00 -44.29 -48.46
CA LEU B 24 -10.67 -44.25 -47.05
C LEU B 24 -11.55 -45.20 -46.26
N LYS B 25 -11.08 -45.57 -45.07
CA LYS B 25 -11.82 -46.51 -44.23
C LYS B 25 -13.13 -45.91 -43.74
N ASP B 26 -13.09 -44.66 -43.26
CA ASP B 26 -14.25 -43.97 -42.73
C ASP B 26 -14.54 -42.72 -43.55
N ASP B 27 -15.82 -42.38 -43.66
CA ASP B 27 -16.21 -41.15 -44.34
C ASP B 27 -15.73 -39.91 -43.59
N HIS B 28 -15.54 -40.03 -42.27
CA HIS B 28 -15.09 -38.93 -41.45
CA HIS B 28 -15.10 -38.93 -41.43
C HIS B 28 -13.92 -39.38 -40.60
N ASP B 29 -13.04 -38.43 -40.27
CA ASP B 29 -11.87 -38.71 -39.45
C ASP B 29 -12.33 -39.16 -38.06
N PRO B 30 -12.14 -40.43 -37.71
CA PRO B 30 -12.67 -40.93 -36.42
C PRO B 30 -11.86 -40.52 -35.21
N PHE B 31 -10.71 -39.86 -35.38
CA PHE B 31 -9.90 -39.40 -34.26
C PHE B 31 -10.16 -37.95 -33.90
N LEU B 32 -10.95 -37.23 -34.68
CA LEU B 32 -11.13 -35.80 -34.46
C LEU B 32 -11.87 -35.55 -33.15
N PRO B 33 -11.44 -34.59 -32.34
CA PRO B 33 -12.16 -34.27 -31.10
C PRO B 33 -13.51 -33.65 -31.40
N GLU B 34 -14.37 -33.65 -30.39
CA GLU B 34 -15.66 -32.97 -30.52
C GLU B 34 -15.43 -31.47 -30.59
N ASP B 35 -16.01 -30.83 -31.60
CA ASP B 35 -15.84 -29.39 -31.78
C ASP B 35 -16.58 -28.67 -30.66
N HIS B 36 -15.82 -28.05 -29.75
CA HIS B 36 -16.36 -27.32 -28.62
C HIS B 36 -16.55 -25.84 -28.92
N LYS B 37 -16.61 -25.45 -30.19
CA LYS B 37 -16.55 -24.04 -30.55
C LYS B 37 -17.94 -23.44 -30.41
N LYS B 38 -18.15 -22.68 -29.36
CA LYS B 38 -19.36 -21.89 -29.17
C LYS B 38 -18.94 -20.67 -28.36
N ALA B 39 -18.22 -19.76 -29.04
CA ALA B 39 -17.54 -18.67 -28.35
C ALA B 39 -18.06 -17.30 -28.76
N LEU B 40 -19.36 -17.07 -28.56
CA LEU B 40 -19.96 -15.77 -28.84
C LEU B 40 -19.62 -14.81 -27.70
N PHE B 41 -18.83 -13.78 -28.01
CA PHE B 41 -18.42 -12.78 -27.02
C PHE B 41 -18.75 -11.39 -27.58
N VAL B 42 -20.02 -10.99 -27.42
CA VAL B 42 -20.50 -9.67 -27.83
C VAL B 42 -20.74 -8.84 -26.57
N TYR B 43 -20.28 -7.59 -26.59
CA TYR B 43 -20.23 -6.76 -25.40
C TYR B 43 -21.04 -5.48 -25.57
N GLN B 44 -21.62 -5.02 -24.47
CA GLN B 44 -22.23 -3.71 -24.37
C GLN B 44 -21.30 -2.77 -23.60
N LYS B 45 -21.50 -1.47 -23.79
CA LYS B 45 -20.61 -0.49 -23.17
C LYS B 45 -20.63 -0.51 -21.65
N PRO B 46 -21.77 -0.58 -20.95
CA PRO B 46 -21.71 -0.63 -19.49
C PRO B 46 -20.91 -1.82 -18.96
N ALA B 47 -21.09 -3.00 -19.56
CA ALA B 47 -20.33 -4.17 -19.11
C ALA B 47 -18.84 -3.98 -19.32
N LEU B 48 -18.44 -3.36 -20.44
CA LEU B 48 -17.03 -3.08 -20.66
C LEU B 48 -16.47 -2.16 -19.58
N ASN B 49 -17.24 -1.13 -19.20
CA ASN B 49 -16.81 -0.26 -18.12
C ASN B 49 -16.72 -1.02 -16.81
N ASN B 50 -17.70 -1.88 -16.54
CA ASN B 50 -17.67 -2.69 -15.32
C ASN B 50 -16.49 -3.66 -15.33
N ILE B 51 -16.16 -4.20 -16.50
CA ILE B 51 -15.04 -5.13 -16.61
C ILE B 51 -13.72 -4.42 -16.32
N ASN B 52 -13.53 -3.24 -16.92
CA ASN B 52 -12.28 -2.51 -16.72
C ASN B 52 -12.18 -1.97 -15.30
N PHE B 53 -13.31 -1.63 -14.69
CA PHE B 53 -13.30 -1.23 -13.28
C PHE B 53 -12.89 -2.39 -12.38
N ALA B 54 -13.33 -3.60 -12.71
CA ALA B 54 -12.97 -4.78 -11.92
C ALA B 54 -11.46 -4.99 -11.89
N PHE B 55 -10.82 -4.86 -13.05
CA PHE B 55 -9.37 -5.01 -13.12
C PHE B 55 -8.66 -3.99 -12.25
N LYS B 56 -8.98 -2.71 -12.45
CA LYS B 56 -8.36 -1.64 -11.68
C LYS B 56 -8.58 -1.85 -10.19
N MET B 57 -9.80 -2.20 -9.80
CA MET B 57 -10.10 -2.40 -8.38
C MET B 57 -9.38 -3.60 -7.81
N TYR B 58 -9.32 -4.71 -8.57
CA TYR B 58 -8.68 -5.90 -8.03
C TYR B 58 -7.18 -5.73 -7.89
N ARG B 59 -6.54 -5.08 -8.87
CA ARG B 59 -5.10 -4.83 -8.76
C ARG B 59 -4.80 -4.00 -7.51
N GLN B 60 -5.65 -3.02 -7.22
CA GLN B 60 -5.49 -2.23 -6.00
C GLN B 60 -5.69 -3.10 -4.76
N LEU B 61 -6.74 -3.91 -4.76
CA LEU B 61 -7.03 -4.77 -3.61
C LEU B 61 -5.89 -5.74 -3.35
N ALA B 62 -5.37 -6.37 -4.41
CA ALA B 62 -4.28 -7.33 -4.24
C ALA B 62 -3.02 -6.67 -3.70
N ARG B 63 -2.84 -5.37 -3.97
CA ARG B 63 -1.71 -4.65 -3.40
C ARG B 63 -1.91 -4.39 -1.92
N ASP B 64 -3.10 -3.93 -1.53
CA ASP B 64 -3.37 -3.55 -0.15
C ASP B 64 -3.57 -4.73 0.78
N HIS B 65 -3.88 -5.91 0.24
CA HIS B 65 -4.14 -7.11 1.04
C HIS B 65 -3.29 -8.22 0.44
N PRO B 66 -2.00 -8.25 0.76
CA PRO B 66 -1.07 -9.08 -0.02
C PRO B 66 -1.13 -10.57 0.28
N THR B 67 -1.65 -10.99 1.44
CA THR B 67 -1.53 -12.38 1.86
C THR B 67 -2.85 -13.08 2.14
N GLU B 68 -3.97 -12.37 2.20
CA GLU B 68 -5.22 -12.98 2.61
C GLU B 68 -6.07 -13.43 1.42
N ASN B 69 -7.11 -14.19 1.72
CA ASN B 69 -8.12 -14.48 0.71
C ASN B 69 -8.82 -13.19 0.31
N ILE B 70 -9.15 -13.08 -0.96
CA ILE B 70 -9.92 -11.96 -1.49
C ILE B 70 -11.14 -12.54 -2.19
N VAL B 71 -12.33 -12.04 -1.84
CA VAL B 71 -13.58 -12.42 -2.50
C VAL B 71 -14.41 -11.15 -2.62
N ILE B 72 -14.57 -10.65 -3.84
CA ILE B 72 -15.37 -9.46 -4.09
C ILE B 72 -16.24 -9.69 -5.31
N SER B 73 -17.37 -8.99 -5.35
CA SER B 73 -18.23 -8.95 -6.53
C SER B 73 -18.11 -7.58 -7.16
N PRO B 74 -17.34 -7.42 -8.23
CA PRO B 74 -17.14 -6.08 -8.81
C PRO B 74 -18.42 -5.45 -9.33
N VAL B 75 -19.29 -6.22 -9.99
CA VAL B 75 -20.52 -5.64 -10.52
C VAL B 75 -21.45 -5.23 -9.38
N SER B 76 -21.43 -5.98 -8.27
CA SER B 76 -22.23 -5.60 -7.12
C SER B 76 -21.71 -4.32 -6.49
N ILE B 77 -20.39 -4.14 -6.46
CA ILE B 77 -19.83 -2.89 -5.94
C ILE B 77 -20.14 -1.74 -6.87
N SER B 78 -19.98 -1.95 -8.19
CA SER B 78 -20.35 -0.93 -9.16
C SER B 78 -21.82 -0.56 -9.05
N SER B 79 -22.68 -1.55 -8.89
CA SER B 79 -24.12 -1.30 -8.78
C SER B 79 -24.45 -0.46 -7.55
N ALA B 80 -23.84 -0.78 -6.41
CA ALA B 80 -24.11 -0.02 -5.19
C ALA B 80 -23.66 1.43 -5.34
N LEU B 81 -22.54 1.66 -6.03
CA LEU B 81 -22.06 3.03 -6.22
C LEU B 81 -22.93 3.78 -7.23
N ALA B 82 -23.41 3.08 -8.26
CA ALA B 82 -24.29 3.74 -9.23
C ALA B 82 -25.59 4.18 -8.58
N LEU B 83 -26.15 3.35 -7.70
CA LEU B 83 -27.32 3.78 -6.93
C LEU B 83 -26.97 4.97 -6.04
N LEU B 84 -25.80 4.92 -5.40
CA LEU B 84 -25.36 6.04 -4.57
C LEU B 84 -25.33 7.34 -5.35
N SER B 85 -24.87 7.30 -6.60
CA SER B 85 -24.79 8.52 -7.41
C SER B 85 -26.16 9.10 -7.73
N LEU B 86 -27.22 8.30 -7.64
CA LEU B 86 -28.57 8.84 -7.82
C LEU B 86 -28.93 9.81 -6.71
N GLY B 87 -28.36 9.63 -5.52
CA GLY B 87 -28.57 10.54 -4.42
C GLY B 87 -27.54 11.64 -4.30
N ALA B 88 -26.54 11.65 -5.19
CA ALA B 88 -25.47 12.62 -5.14
C ALA B 88 -25.67 13.70 -6.21
N LYS B 89 -25.12 14.88 -5.94
CA LYS B 89 -25.16 16.00 -6.88
C LYS B 89 -23.78 16.63 -6.97
N GLY B 90 -23.62 17.53 -7.93
CA GLY B 90 -22.38 18.27 -8.07
C GLY B 90 -21.20 17.37 -8.36
N HIS B 91 -20.06 17.70 -7.75
CA HIS B 91 -18.84 16.96 -7.99
C HIS B 91 -18.88 15.57 -7.37
N THR B 92 -19.67 15.39 -6.31
CA THR B 92 -19.82 14.07 -5.71
C THR B 92 -20.44 13.09 -6.69
N HIS B 93 -21.33 13.56 -7.55
CA HIS B 93 -22.00 12.70 -8.53
C HIS B 93 -21.06 12.34 -9.68
N SER B 94 -20.48 13.34 -10.34
CA SER B 94 -19.65 13.08 -11.49
C SER B 94 -18.42 12.26 -11.14
N GLN B 95 -17.88 12.44 -9.93
CA GLN B 95 -16.73 11.66 -9.50
C GLN B 95 -17.04 10.17 -9.47
N ILE B 96 -18.20 9.80 -8.91
CA ILE B 96 -18.57 8.39 -8.84
C ILE B 96 -18.76 7.82 -10.23
N VAL B 97 -19.51 8.53 -11.07
CA VAL B 97 -19.84 8.02 -12.41
C VAL B 97 -18.57 7.86 -13.24
N GLU B 98 -17.70 8.87 -13.22
CA GLU B 98 -16.47 8.81 -14.01
C GLU B 98 -15.53 7.72 -13.51
N ARG B 99 -15.33 7.64 -12.18
CA ARG B 99 -14.40 6.66 -11.64
C ARG B 99 -14.91 5.24 -11.83
N LEU B 100 -16.22 5.05 -11.92
CA LEU B 100 -16.74 3.73 -12.30
C LEU B 100 -16.46 3.39 -13.75
N GLY B 101 -15.92 4.34 -14.53
CA GLY B 101 -15.59 4.12 -15.92
C GLY B 101 -16.59 4.65 -16.91
N TYR B 102 -17.63 5.34 -16.46
CA TYR B 102 -18.69 5.83 -17.33
C TYR B 102 -18.43 7.29 -17.67
N ASN B 103 -18.38 7.60 -18.96
CA ASN B 103 -18.26 8.97 -19.43
C ASN B 103 -19.65 9.43 -19.88
N THR B 104 -20.18 10.42 -19.17
CA THR B 104 -21.59 10.78 -19.31
C THR B 104 -21.92 11.38 -20.67
N SER B 105 -20.93 11.76 -21.47
CA SER B 105 -21.23 12.31 -22.79
C SER B 105 -21.72 11.23 -23.73
N GLU B 106 -22.75 11.59 -24.51
CA GLU B 106 -23.30 10.79 -25.60
C GLU B 106 -24.08 9.60 -25.07
N ILE B 107 -23.57 8.92 -24.04
CA ILE B 107 -24.18 7.74 -23.47
C ILE B 107 -24.94 8.15 -22.21
N PRO B 108 -26.26 8.08 -22.20
CA PRO B 108 -27.04 8.68 -21.10
C PRO B 108 -26.93 7.89 -19.80
N GLU B 109 -27.23 8.59 -18.71
CA GLU B 109 -27.21 7.99 -17.39
C GLU B 109 -28.36 7.00 -17.19
N GLN B 110 -29.50 7.25 -17.83
CA GLN B 110 -30.60 6.29 -17.78
C GLN B 110 -30.15 4.91 -18.23
N GLN B 111 -29.29 4.87 -19.26
CA GLN B 111 -28.75 3.60 -19.72
C GLN B 111 -27.89 2.92 -18.66
N ILE B 112 -27.17 3.71 -17.85
CA ILE B 112 -26.35 3.14 -16.77
C ILE B 112 -27.23 2.38 -15.81
N HIS B 113 -28.24 3.05 -15.26
CA HIS B 113 -29.11 2.41 -14.26
C HIS B 113 -29.94 1.30 -14.87
N GLU B 114 -30.38 1.46 -16.11
CA GLU B 114 -31.09 0.39 -16.79
C GLU B 114 -30.20 -0.84 -16.95
N SER B 115 -28.90 -0.63 -17.19
CA SER B 115 -28.00 -1.77 -17.34
C SER B 115 -27.84 -2.52 -16.02
N PHE B 116 -27.74 -1.80 -14.89
CA PHE B 116 -27.65 -2.46 -13.61
C PHE B 116 -28.97 -3.13 -13.22
N HIS B 117 -30.10 -2.53 -13.62
CA HIS B 117 -31.38 -3.19 -13.41
C HIS B 117 -31.48 -4.47 -14.22
N LYS B 118 -30.99 -4.44 -15.46
CA LYS B 118 -30.98 -5.65 -16.28
C LYS B 118 -30.13 -6.74 -15.64
N GLN B 119 -29.00 -6.36 -15.04
CA GLN B 119 -28.11 -7.36 -14.43
C GLN B 119 -28.79 -8.03 -13.23
N LEU B 120 -29.49 -7.24 -12.41
CA LEU B 120 -30.21 -7.83 -11.28
C LEU B 120 -31.31 -8.77 -11.75
N ASP B 121 -31.92 -8.48 -12.90
CA ASP B 121 -33.03 -9.29 -13.38
C ASP B 121 -32.55 -10.64 -13.90
N VAL B 122 -31.40 -10.66 -14.59
CA VAL B 122 -30.94 -11.92 -15.19
C VAL B 122 -30.40 -12.88 -14.15
N VAL B 123 -30.00 -12.40 -12.98
CA VAL B 123 -29.57 -13.30 -11.91
C VAL B 123 -30.71 -13.67 -10.97
N ASP B 124 -31.74 -12.84 -10.87
CA ASP B 124 -32.93 -13.17 -10.09
C ASP B 124 -33.90 -14.07 -10.87
N ASP B 125 -33.63 -14.33 -12.14
CA ASP B 125 -34.49 -15.17 -12.96
C ASP B 125 -34.57 -16.56 -12.34
N LYS B 126 -35.78 -16.95 -11.93
CA LYS B 126 -35.96 -18.24 -11.28
C LYS B 126 -35.71 -19.41 -12.23
N ASP B 127 -35.94 -19.21 -13.52
CA ASP B 127 -35.65 -20.28 -14.49
C ASP B 127 -34.16 -20.49 -14.66
N ARG B 128 -33.36 -19.42 -14.56
CA ARG B 128 -31.91 -19.55 -14.68
C ARG B 128 -31.35 -20.27 -13.46
N ASP B 129 -30.64 -21.37 -13.69
CA ASP B 129 -30.07 -22.18 -12.62
C ASP B 129 -28.72 -21.60 -12.25
N LEU B 130 -28.71 -20.69 -11.28
CA LEU B 130 -27.52 -19.92 -10.95
C LEU B 130 -28.10 -19.86 -9.55
N GLU B 131 -27.26 -19.95 -8.51
CA GLU B 131 -27.71 -20.00 -7.11
C GLU B 131 -26.71 -18.90 -6.76
N PHE B 132 -27.12 -17.67 -7.05
CA PHE B 132 -26.30 -16.48 -6.83
C PHE B 132 -27.12 -15.51 -5.99
N GLU B 133 -26.82 -15.43 -4.71
CA GLU B 133 -27.60 -14.64 -3.78
C GLU B 133 -26.88 -13.33 -3.49
N HIS B 134 -27.66 -12.26 -3.32
CA HIS B 134 -27.09 -10.93 -3.26
C HIS B 134 -28.07 -9.98 -2.58
N GLY B 135 -27.52 -8.89 -2.07
CA GLY B 135 -28.34 -7.85 -1.46
C GLY B 135 -27.55 -6.58 -1.32
N ASN B 136 -28.28 -5.47 -1.21
CA ASN B 136 -27.67 -4.16 -1.08
C ASN B 136 -28.60 -3.28 -0.26
N ALA B 137 -28.04 -2.55 0.69
CA ALA B 137 -28.86 -1.72 1.56
C ALA B 137 -28.08 -0.47 1.97
N LEU B 138 -28.82 0.60 2.20
CA LEU B 138 -28.28 1.82 2.79
C LEU B 138 -28.95 2.02 4.14
N PHE B 139 -28.15 2.08 5.19
CA PHE B 139 -28.64 2.32 6.54
C PHE B 139 -28.33 3.76 6.91
N THR B 140 -29.38 4.56 7.06
CA THR B 140 -29.26 5.98 7.30
C THR B 140 -29.82 6.33 8.67
N CYS B 141 -29.26 7.36 9.29
CA CYS B 141 -29.77 7.81 10.58
C CYS B 141 -31.20 8.31 10.43
N LYS B 142 -32.07 7.88 11.35
CA LYS B 142 -33.48 8.22 11.27
C LYS B 142 -33.76 9.68 11.62
N GLU B 143 -32.75 10.44 12.03
CA GLU B 143 -32.95 11.84 12.40
C GLU B 143 -33.35 12.71 11.21
N HIS B 144 -33.31 12.17 9.99
CA HIS B 144 -33.65 12.96 8.80
C HIS B 144 -34.39 12.08 7.81
N LYS B 145 -35.34 12.69 7.11
CA LYS B 145 -36.26 11.98 6.23
C LYS B 145 -35.65 11.80 4.84
N ILE B 146 -35.80 10.60 4.29
CA ILE B 146 -35.24 10.27 2.99
C ILE B 146 -36.17 10.78 1.90
N HIS B 147 -35.59 11.44 0.89
CA HIS B 147 -36.36 11.91 -0.25
C HIS B 147 -37.03 10.74 -0.96
N GLN B 148 -38.31 10.91 -1.30
CA GLN B 148 -39.05 9.82 -1.93
C GLN B 148 -38.49 9.47 -3.29
N THR B 149 -37.92 10.44 -4.00
CA THR B 149 -37.29 10.16 -5.29
C THR B 149 -36.18 9.14 -5.14
N PHE B 150 -35.34 9.28 -4.10
CA PHE B 150 -34.26 8.32 -3.90
C PHE B 150 -34.78 6.99 -3.40
N LEU B 151 -35.86 6.99 -2.63
CA LEU B 151 -36.44 5.74 -2.15
C LEU B 151 -37.01 4.92 -3.31
N ASP B 152 -37.67 5.60 -4.27
CA ASP B 152 -38.22 4.88 -5.41
C ASP B 152 -37.12 4.34 -6.32
N ASP B 153 -36.04 5.12 -6.52
CA ASP B 153 -34.93 4.65 -7.34
C ASP B 153 -34.24 3.46 -6.70
N ALA B 154 -34.03 3.50 -5.38
CA ALA B 154 -33.37 2.40 -4.70
C ALA B 154 -34.19 1.12 -4.77
N LYS B 155 -35.50 1.23 -4.68
CA LYS B 155 -36.36 0.05 -4.67
C LYS B 155 -36.56 -0.51 -6.08
N LYS B 156 -37.04 0.32 -7.01
CA LYS B 156 -37.47 -0.18 -8.31
C LYS B 156 -36.28 -0.63 -9.16
N PHE B 157 -35.24 0.20 -9.24
CA PHE B 157 -34.12 -0.09 -10.13
C PHE B 157 -33.08 -1.02 -9.50
N TYR B 158 -32.80 -0.87 -8.20
CA TYR B 158 -31.70 -1.57 -7.59
C TYR B 158 -32.11 -2.61 -6.57
N HIS B 159 -33.42 -2.77 -6.33
CA HIS B 159 -33.92 -3.74 -5.34
C HIS B 159 -33.20 -3.59 -4.01
N SER B 160 -32.89 -2.34 -3.66
CA SER B 160 -32.17 -2.02 -2.44
C SER B 160 -33.10 -1.34 -1.45
N GLU B 161 -32.85 -1.57 -0.17
CA GLU B 161 -33.62 -0.95 0.89
C GLU B 161 -32.82 0.20 1.49
N VAL B 162 -33.52 1.28 1.82
CA VAL B 162 -32.96 2.37 2.61
C VAL B 162 -33.65 2.30 3.97
N ILE B 163 -32.89 1.94 5.00
CA ILE B 163 -33.45 1.57 6.29
C ILE B 163 -33.04 2.63 7.31
N PRO B 164 -33.99 3.30 7.96
CA PRO B 164 -33.62 4.23 9.04
C PRO B 164 -33.06 3.48 10.24
N THR B 165 -31.98 4.01 10.81
CA THR B 165 -31.28 3.33 11.89
C THR B 165 -30.83 4.35 12.93
N ASP B 166 -30.97 3.98 14.21
CA ASP B 166 -30.50 4.80 15.32
C ASP B 166 -29.04 4.42 15.57
N PHE B 167 -28.13 5.16 14.95
CA PHE B 167 -26.71 4.86 15.06
C PHE B 167 -26.13 5.29 16.41
N LYS B 168 -26.77 6.22 17.11
CA LYS B 168 -26.38 6.52 18.48
C LYS B 168 -26.43 5.25 19.33
N ASN B 169 -27.49 4.47 19.18
CA ASN B 169 -27.62 3.17 19.84
C ASN B 169 -26.83 2.18 19.01
N THR B 170 -25.54 2.04 19.34
CA THR B 170 -24.63 1.25 18.50
C THR B 170 -24.95 -0.23 18.57
N GLU B 171 -25.23 -0.75 19.77
CA GLU B 171 -25.59 -2.16 19.89
C GLU B 171 -26.82 -2.49 19.07
N GLU B 172 -27.73 -1.54 18.90
CA GLU B 172 -28.97 -1.85 18.21
C GLU B 172 -28.84 -1.76 16.68
N ALA B 173 -27.99 -0.87 16.17
CA ALA B 173 -27.78 -0.81 14.73
C ALA B 173 -27.17 -2.10 14.22
N LYS B 174 -26.26 -2.70 15.00
CA LYS B 174 -25.61 -3.94 14.60
C LYS B 174 -26.61 -5.07 14.41
N ASN B 175 -27.54 -5.22 15.36
CA ASN B 175 -28.52 -6.30 15.27
C ASN B 175 -29.50 -6.08 14.13
N GLN B 176 -29.76 -4.83 13.77
CA GLN B 176 -30.64 -4.54 12.64
C GLN B 176 -29.97 -4.91 11.31
N ILE B 177 -28.70 -4.51 11.15
CA ILE B 177 -27.99 -4.77 9.91
C ILE B 177 -27.78 -6.27 9.70
N ASN B 178 -27.31 -6.97 10.75
CA ASN B 178 -27.01 -8.38 10.62
C ASN B 178 -28.27 -9.20 10.33
N SER B 179 -29.37 -8.88 11.01
CA SER B 179 -30.61 -9.62 10.76
C SER B 179 -31.15 -9.37 9.37
N TYR B 180 -30.99 -8.15 8.84
CA TYR B 180 -31.38 -7.89 7.46
C TYR B 180 -30.56 -8.72 6.49
N VAL B 181 -29.26 -8.88 6.76
CA VAL B 181 -28.42 -9.69 5.89
C VAL B 181 -28.84 -11.15 5.94
N GLU B 182 -29.22 -11.64 7.13
CA GLU B 182 -29.67 -13.01 7.27
C GLU B 182 -30.93 -13.26 6.46
N LYS B 183 -31.96 -12.42 6.68
CA LYS B 183 -33.20 -12.56 5.92
C LYS B 183 -32.95 -12.44 4.43
N SER B 184 -32.15 -11.46 4.01
CA SER B 184 -31.91 -11.23 2.59
C SER B 184 -31.11 -12.34 1.94
N THR B 185 -30.44 -13.19 2.71
CA THR B 185 -29.65 -14.28 2.17
C THR B 185 -30.16 -15.66 2.52
N HIS B 186 -31.28 -15.76 3.25
CA HIS B 186 -31.82 -17.05 3.70
C HIS B 186 -30.78 -17.84 4.50
N GLY B 187 -30.15 -17.16 5.45
CA GLY B 187 -29.23 -17.79 6.36
C GLY B 187 -27.85 -18.10 5.83
N LYS B 188 -27.59 -17.87 4.54
CA LYS B 188 -26.28 -18.18 3.98
C LYS B 188 -25.20 -17.28 4.57
N ILE B 189 -25.51 -15.99 4.76
CA ILE B 189 -24.61 -15.05 5.42
C ILE B 189 -25.35 -14.54 6.66
N THR B 190 -24.88 -14.96 7.83
CA THR B 190 -25.55 -14.63 9.09
C THR B 190 -24.99 -13.38 9.76
N ASN B 191 -23.73 -13.04 9.50
CA ASN B 191 -23.09 -11.90 10.13
C ASN B 191 -22.33 -11.11 9.08
N ILE B 192 -22.43 -9.77 9.17
CA ILE B 192 -21.67 -8.89 8.29
C ILE B 192 -20.82 -7.88 9.03
N LEU B 193 -21.15 -7.52 10.27
CA LEU B 193 -20.38 -6.56 11.03
C LEU B 193 -20.70 -6.71 12.50
N ASP B 194 -19.82 -6.16 13.34
CA ASP B 194 -20.03 -6.16 14.78
C ASP B 194 -19.83 -4.79 15.40
N SER B 195 -19.61 -3.75 14.59
CA SER B 195 -19.30 -2.43 15.11
C SER B 195 -19.80 -1.36 14.16
N VAL B 196 -20.38 -0.32 14.73
CA VAL B 196 -20.76 0.89 14.01
C VAL B 196 -20.32 2.09 14.84
N ASP B 197 -19.75 3.09 14.18
CA ASP B 197 -19.38 4.31 14.86
C ASP B 197 -20.62 5.00 15.38
N GLN B 198 -20.50 5.64 16.56
CA GLN B 198 -21.67 6.18 17.24
C GLN B 198 -22.39 7.22 16.39
N ASP B 199 -21.65 8.18 15.83
CA ASP B 199 -22.24 9.23 15.02
C ASP B 199 -22.13 8.96 13.52
N ALA B 200 -22.19 7.68 13.12
CA ALA B 200 -22.27 7.35 11.71
C ALA B 200 -23.58 7.90 11.13
N MET B 201 -23.58 8.11 9.82
CA MET B 201 -24.72 8.75 9.16
C MET B 201 -25.30 7.89 8.06
N ILE B 202 -24.46 7.34 7.18
CA ILE B 202 -24.90 6.40 6.16
C ILE B 202 -23.95 5.20 6.17
N ALA B 203 -24.52 4.00 6.28
CA ALA B 203 -23.77 2.76 6.22
C ALA B 203 -24.23 1.97 4.99
N LEU B 204 -23.31 1.76 4.06
CA LEU B 204 -23.59 0.99 2.84
C LEU B 204 -23.20 -0.46 3.07
N ILE B 205 -24.17 -1.36 2.94
CA ILE B 205 -24.00 -2.78 3.24
C ILE B 205 -24.30 -3.55 1.97
N ASN B 206 -23.31 -4.30 1.49
CA ASN B 206 -23.41 -5.01 0.22
C ASN B 206 -22.84 -6.41 0.41
N PHE B 207 -23.59 -7.43 -0.02
CA PHE B 207 -23.22 -8.80 0.29
C PHE B 207 -23.59 -9.73 -0.85
N ILE B 208 -22.82 -10.81 -0.99
CA ILE B 208 -22.95 -11.75 -2.10
C ILE B 208 -22.63 -13.15 -1.60
N TYR B 209 -23.43 -14.13 -2.02
CA TYR B 209 -23.12 -15.54 -1.83
C TYR B 209 -23.21 -16.25 -3.16
N LEU B 210 -22.19 -17.02 -3.51
CA LEU B 210 -22.16 -17.79 -4.74
C LEU B 210 -21.69 -19.20 -4.44
N ARG B 211 -22.41 -20.20 -4.97
CA ARG B 211 -21.99 -21.59 -4.92
C ARG B 211 -21.75 -22.07 -6.35
N ALA B 212 -20.61 -22.70 -6.57
CA ALA B 212 -20.26 -23.17 -7.91
C ALA B 212 -21.19 -24.31 -8.32
N ASN B 213 -21.98 -24.08 -9.36
CA ASN B 213 -22.90 -25.08 -9.88
CA ASN B 213 -22.90 -25.09 -9.88
C ASN B 213 -22.32 -25.63 -11.18
N TRP B 214 -21.35 -26.54 -11.03
CA TRP B 214 -20.60 -27.08 -12.16
C TRP B 214 -21.52 -27.65 -13.23
N GLN B 215 -21.25 -27.27 -14.49
CA GLN B 215 -21.91 -27.92 -15.61
C GLN B 215 -21.61 -29.41 -15.61
N HIS B 216 -20.38 -29.78 -15.26
CA HIS B 216 -20.00 -31.18 -15.05
C HIS B 216 -19.58 -31.36 -13.60
N PRO B 217 -20.44 -31.92 -12.76
CA PRO B 217 -20.12 -32.03 -11.32
C PRO B 217 -19.01 -33.03 -11.08
N PHE B 218 -18.46 -32.96 -9.87
CA PHE B 218 -17.44 -33.89 -9.42
C PHE B 218 -18.08 -35.08 -8.71
N ASP B 219 -17.35 -36.20 -8.68
CA ASP B 219 -17.78 -37.39 -7.98
C ASP B 219 -17.28 -37.33 -6.54
N GLU B 220 -18.22 -37.36 -5.59
CA GLU B 220 -17.86 -37.27 -4.18
C GLU B 220 -16.93 -38.41 -3.75
N LYS B 221 -17.04 -39.57 -4.39
CA LYS B 221 -16.19 -40.70 -4.03
C LYS B 221 -14.74 -40.49 -4.45
N LEU B 222 -14.48 -39.60 -5.41
CA LEU B 222 -13.12 -39.31 -5.84
C LEU B 222 -12.47 -38.21 -5.03
N THR B 223 -13.20 -37.59 -4.10
CA THR B 223 -12.66 -36.50 -3.30
C THR B 223 -11.78 -37.06 -2.19
N LYS B 224 -10.53 -36.62 -2.15
CA LYS B 224 -9.54 -37.11 -1.20
C LYS B 224 -8.81 -35.92 -0.57
N GLU B 225 -8.36 -36.10 0.67
CA GLU B 225 -7.61 -35.06 1.35
C GLU B 225 -6.24 -34.88 0.70
N GLY B 226 -5.79 -33.62 0.65
CA GLY B 226 -4.50 -33.29 0.08
C GLY B 226 -3.92 -32.05 0.71
N ASP B 227 -2.71 -31.72 0.27
CA ASP B 227 -1.97 -30.58 0.81
C ASP B 227 -2.22 -29.34 -0.05
N PHE B 228 -2.57 -28.23 0.57
CA PHE B 228 -2.59 -26.93 -0.07
C PHE B 228 -1.43 -26.12 0.50
N HIS B 229 -0.59 -25.59 -0.38
CA HIS B 229 0.59 -24.84 0.04
C HIS B 229 0.24 -23.37 0.16
N VAL B 230 0.27 -22.85 1.38
CA VAL B 230 -0.04 -21.44 1.61
C VAL B 230 1.13 -20.56 1.23
N ASP B 231 2.34 -20.93 1.63
CA ASP B 231 3.55 -20.21 1.22
C ASP B 231 4.71 -21.21 1.23
N LYS B 232 5.94 -20.68 1.20
CA LYS B 232 7.12 -21.53 1.18
C LYS B 232 7.19 -22.47 2.38
N ASP B 233 6.63 -22.08 3.52
CA ASP B 233 6.82 -22.80 4.77
C ASP B 233 5.53 -23.32 5.42
N THR B 234 4.37 -23.15 4.78
CA THR B 234 3.12 -23.51 5.42
C THR B 234 2.24 -24.31 4.46
N THR B 235 1.69 -25.41 4.97
CA THR B 235 0.77 -26.26 4.23
C THR B 235 -0.42 -26.60 5.12
N VAL B 236 -1.61 -26.62 4.55
CA VAL B 236 -2.82 -27.03 5.27
C VAL B 236 -3.48 -28.17 4.51
N LYS B 237 -4.23 -29.00 5.24
CA LYS B 237 -4.95 -30.11 4.65
C LYS B 237 -6.33 -29.64 4.19
N VAL B 238 -6.69 -29.99 2.96
CA VAL B 238 -8.03 -29.69 2.44
C VAL B 238 -8.49 -30.85 1.57
N PRO B 239 -9.81 -31.03 1.47
CA PRO B 239 -10.33 -32.01 0.51
C PRO B 239 -10.21 -31.50 -0.91
N PHE B 240 -9.66 -32.32 -1.79
CA PHE B 240 -9.47 -31.99 -3.20
C PHE B 240 -10.41 -32.82 -4.04
N MET B 241 -11.31 -32.15 -4.76
CA MET B 241 -12.14 -32.82 -5.76
C MET B 241 -11.34 -32.97 -7.04
N ARG B 242 -11.52 -34.11 -7.72
CA ARG B 242 -10.77 -34.40 -8.92
C ARG B 242 -11.69 -35.02 -9.97
N ARG B 243 -11.53 -34.57 -11.21
CA ARG B 243 -12.35 -35.05 -12.30
C ARG B 243 -11.55 -34.97 -13.61
N ARG B 244 -11.76 -35.95 -14.48
CA ARG B 244 -11.13 -35.98 -15.80
C ARG B 244 -12.15 -35.52 -16.84
N GLY B 245 -11.73 -34.62 -17.73
CA GLY B 245 -12.65 -34.12 -18.74
C GLY B 245 -12.00 -33.07 -19.60
N ILE B 246 -12.79 -32.59 -20.56
CA ILE B 246 -12.33 -31.62 -21.55
C ILE B 246 -12.60 -30.21 -21.02
N TYR B 247 -11.55 -29.40 -20.94
CA TYR B 247 -11.67 -28.03 -20.48
C TYR B 247 -10.84 -27.11 -21.36
N LYS B 248 -11.34 -25.90 -21.57
CA LYS B 248 -10.50 -24.86 -22.16
C LYS B 248 -9.39 -24.52 -21.18
N MET B 249 -8.14 -24.58 -21.64
CA MET B 249 -7.01 -24.45 -20.73
C MET B 249 -5.81 -23.89 -21.48
N ALA B 250 -4.86 -23.37 -20.72
CA ALA B 250 -3.54 -23.02 -21.23
C ALA B 250 -2.54 -23.22 -20.11
N TYR B 251 -1.28 -23.43 -20.48
CA TYR B 251 -0.25 -23.61 -19.47
C TYR B 251 1.10 -23.30 -20.08
N THR B 252 2.01 -22.85 -19.22
CA THR B 252 3.42 -22.76 -19.55
C THR B 252 4.20 -23.41 -18.42
N ASP B 253 5.52 -23.21 -18.38
CA ASP B 253 6.27 -23.66 -17.21
C ASP B 253 5.99 -22.81 -15.97
N ASP B 254 5.37 -21.63 -16.13
CA ASP B 254 5.19 -20.68 -15.04
C ASP B 254 3.74 -20.42 -14.66
N ILE B 255 2.77 -20.97 -15.38
CA ILE B 255 1.37 -20.64 -15.12
C ILE B 255 0.48 -21.73 -15.69
N ILE B 256 -0.62 -22.00 -15.00
CA ILE B 256 -1.71 -22.81 -15.52
C ILE B 256 -3.00 -22.03 -15.38
N MET B 257 -3.89 -22.19 -16.35
CA MET B 257 -5.19 -21.53 -16.30
C MET B 257 -6.23 -22.41 -16.96
N VAL B 258 -7.44 -22.36 -16.43
CA VAL B 258 -8.53 -23.18 -16.94
C VAL B 258 -9.83 -22.40 -16.80
N THR B 259 -10.73 -22.62 -17.75
CA THR B 259 -12.09 -22.08 -17.68
C THR B 259 -13.05 -23.23 -17.40
N ILE B 260 -13.86 -23.06 -16.35
CA ILE B 260 -14.78 -24.12 -15.90
C ILE B 260 -16.21 -23.61 -16.02
N PRO B 261 -17.03 -24.20 -16.89
CA PRO B 261 -18.39 -23.70 -17.06
C PRO B 261 -19.30 -24.11 -15.92
N TYR B 262 -20.13 -23.17 -15.49
CA TYR B 262 -21.27 -23.45 -14.63
C TYR B 262 -22.49 -23.75 -15.49
N ASN B 263 -23.57 -24.17 -14.85
CA ASN B 263 -24.85 -24.14 -15.54
C ASN B 263 -25.41 -22.73 -15.54
N GLY B 264 -26.32 -22.46 -16.48
CA GLY B 264 -26.95 -21.16 -16.53
C GLY B 264 -26.10 -20.05 -17.12
N SER B 265 -25.27 -20.36 -18.10
CA SER B 265 -24.49 -19.37 -18.84
C SER B 265 -23.58 -18.55 -17.92
N VAL B 266 -22.80 -19.26 -17.11
CA VAL B 266 -21.83 -18.64 -16.23
C VAL B 266 -20.54 -19.47 -16.31
N GLU B 267 -19.40 -18.78 -16.35
CA GLU B 267 -18.11 -19.46 -16.50
C GLU B 267 -17.13 -18.93 -15.47
N MET B 268 -16.45 -19.83 -14.79
CA MET B 268 -15.41 -19.48 -13.83
C MET B 268 -14.04 -19.72 -14.44
N PHE B 269 -13.18 -18.71 -14.38
CA PHE B 269 -11.80 -18.79 -14.85
C PHE B 269 -10.87 -18.87 -13.64
N LEU B 270 -9.87 -19.75 -13.74
CA LEU B 270 -8.87 -19.95 -12.68
C LEU B 270 -7.48 -19.81 -13.26
N ALA B 271 -6.56 -19.24 -12.46
CA ALA B 271 -5.18 -19.11 -12.88
C ALA B 271 -4.26 -19.26 -11.67
N MET B 272 -3.14 -19.95 -11.87
CA MET B 272 -2.23 -20.28 -10.78
C MET B 272 -0.79 -20.17 -11.28
N THR B 273 0.08 -19.62 -10.44
CA THR B 273 1.50 -19.48 -10.74
C THR B 273 2.32 -20.29 -9.75
N LYS B 274 3.65 -20.27 -9.96
CA LYS B 274 4.57 -20.83 -8.99
C LYS B 274 4.48 -20.07 -7.68
N MET B 275 4.94 -20.71 -6.61
CA MET B 275 4.82 -20.15 -5.28
C MET B 275 5.58 -18.83 -5.18
N GLY B 276 4.90 -17.78 -4.73
CA GLY B 276 5.50 -16.48 -4.60
C GLY B 276 5.42 -15.61 -5.84
N LYS B 277 4.82 -16.10 -6.92
CA LYS B 277 4.72 -15.34 -8.16
C LYS B 277 3.31 -14.87 -8.46
N LEU B 278 2.35 -15.15 -7.58
CA LEU B 278 0.96 -14.78 -7.88
C LEU B 278 0.79 -13.27 -7.97
N SER B 279 1.52 -12.52 -7.13
CA SER B 279 1.41 -11.06 -7.19
C SER B 279 1.92 -10.52 -8.52
N GLU B 280 2.91 -11.18 -9.12
CA GLU B 280 3.37 -10.78 -10.45
C GLU B 280 2.29 -10.97 -11.50
N LEU B 281 1.43 -11.99 -11.33
CA LEU B 281 0.28 -12.13 -12.21
C LEU B 281 -0.79 -11.10 -11.88
N GLU B 282 -1.09 -10.92 -10.59
CA GLU B 282 -2.18 -10.03 -10.19
C GLU B 282 -1.91 -8.60 -10.61
N GLN B 283 -0.69 -8.12 -10.42
CA GLN B 283 -0.36 -6.75 -10.76
C GLN B 283 -0.20 -6.52 -12.27
N ASN B 284 -0.41 -7.56 -13.09
CA ASN B 284 -0.29 -7.44 -14.54
C ASN B 284 -1.61 -7.70 -15.25
N LEU B 285 -2.70 -7.90 -14.51
CA LEU B 285 -3.98 -8.23 -15.11
C LEU B 285 -4.60 -7.00 -15.77
N ASN B 286 -5.10 -7.18 -17.00
CA ASN B 286 -5.99 -6.20 -17.62
C ASN B 286 -6.77 -6.89 -18.73
N ARG B 287 -7.69 -6.15 -19.35
CA ARG B 287 -8.61 -6.78 -20.30
C ARG B 287 -7.91 -7.17 -21.59
N GLU B 288 -7.04 -6.29 -22.11
CA GLU B 288 -6.36 -6.60 -23.37
C GLU B 288 -5.52 -7.87 -23.25
N ARG B 289 -4.81 -8.03 -22.13
CA ARG B 289 -4.02 -9.23 -21.94
C ARG B 289 -4.89 -10.46 -21.76
N SER B 290 -6.06 -10.29 -21.12
CA SER B 290 -7.02 -11.38 -21.02
C SER B 290 -7.45 -11.85 -22.40
N LEU B 291 -7.67 -10.93 -23.33
CA LEU B 291 -8.13 -11.30 -24.66
C LEU B 291 -7.05 -12.05 -25.43
N LYS B 292 -5.77 -11.72 -25.18
CA LYS B 292 -4.69 -12.48 -25.82
C LYS B 292 -4.66 -13.91 -25.29
N TRP B 293 -4.83 -14.10 -23.98
CA TRP B 293 -4.82 -15.44 -23.43
C TRP B 293 -6.05 -16.23 -23.84
N ARG B 294 -7.19 -15.57 -24.00
CA ARG B 294 -8.39 -16.27 -24.47
C ARG B 294 -8.14 -16.93 -25.83
N GLU B 295 -7.34 -16.27 -26.69
CA GLU B 295 -7.01 -16.86 -27.98
C GLU B 295 -6.06 -18.04 -27.83
N ILE B 296 -5.23 -18.04 -26.79
CA ILE B 296 -4.26 -19.11 -26.62
C ILE B 296 -4.90 -20.36 -26.05
N MET B 297 -5.86 -20.21 -25.13
CA MET B 297 -6.49 -21.38 -24.54
C MET B 297 -7.22 -22.21 -25.58
N GLN B 298 -7.20 -23.52 -25.38
CA GLN B 298 -7.87 -24.48 -26.24
C GLN B 298 -8.50 -25.56 -25.38
N TYR B 299 -9.54 -26.19 -25.92
CA TYR B 299 -10.17 -27.30 -25.21
C TYR B 299 -9.25 -28.52 -25.26
N GLN B 300 -8.90 -29.05 -24.10
CA GLN B 300 -7.97 -30.17 -24.01
C GLN B 300 -8.47 -31.15 -22.95
N LEU B 301 -8.04 -32.40 -23.09
CA LEU B 301 -8.29 -33.42 -22.08
C LEU B 301 -7.31 -33.22 -20.93
N ILE B 302 -7.83 -32.91 -19.75
CA ILE B 302 -7.00 -32.69 -18.57
C ILE B 302 -7.59 -33.42 -17.37
N ASP B 303 -6.77 -33.58 -16.34
CA ASP B 303 -7.24 -33.90 -15.00
C ASP B 303 -7.31 -32.61 -14.21
N LEU B 304 -8.45 -32.37 -13.58
CA LEU B 304 -8.69 -31.14 -12.84
C LEU B 304 -8.91 -31.47 -11.38
N SER B 305 -8.13 -30.84 -10.51
CA SER B 305 -8.26 -31.00 -9.06
C SER B 305 -8.49 -29.64 -8.43
N LEU B 306 -9.63 -29.47 -7.76
CA LEU B 306 -9.95 -28.25 -7.05
C LEU B 306 -10.13 -28.53 -5.56
N PRO B 307 -9.66 -27.64 -4.69
CA PRO B 307 -9.94 -27.84 -3.27
C PRO B 307 -11.40 -27.54 -2.96
N LYS B 308 -11.98 -28.38 -2.10
CA LYS B 308 -13.27 -28.04 -1.51
C LYS B 308 -13.13 -26.74 -0.74
N LEU B 309 -14.12 -25.87 -0.87
CA LEU B 309 -13.94 -24.46 -0.53
C LEU B 309 -15.20 -23.85 0.03
N SER B 310 -15.03 -22.96 1.01
CA SER B 310 -16.10 -22.10 1.54
C SER B 310 -15.40 -20.91 2.19
N VAL B 311 -15.02 -19.95 1.37
CA VAL B 311 -14.21 -18.81 1.80
C VAL B 311 -15.05 -17.55 1.78
N SER B 312 -14.75 -16.65 2.70
CA SER B 312 -15.40 -15.37 2.82
C SER B 312 -14.37 -14.26 2.73
N GLY B 313 -14.80 -13.11 2.19
CA GLY B 313 -13.99 -11.92 2.21
C GLY B 313 -14.80 -10.73 2.69
N ILE B 314 -14.27 -9.97 3.64
CA ILE B 314 -14.94 -8.78 4.17
C ILE B 314 -14.07 -7.59 3.86
N LEU B 315 -14.63 -6.59 3.19
CA LEU B 315 -13.88 -5.46 2.67
C LEU B 315 -14.46 -4.15 3.18
N ASN B 316 -13.58 -3.29 3.71
CA ASN B 316 -13.93 -1.90 3.98
C ASN B 316 -13.79 -1.13 2.67
N LEU B 317 -14.93 -0.86 2.02
CA LEU B 317 -14.91 -0.23 0.70
C LEU B 317 -14.36 1.18 0.75
N LYS B 318 -14.52 1.87 1.88
CA LYS B 318 -14.10 3.27 1.97
C LYS B 318 -12.63 3.43 1.63
N GLU B 319 -11.78 2.58 2.21
CA GLU B 319 -10.34 2.67 1.94
C GLU B 319 -10.04 2.39 0.47
N THR B 320 -10.57 1.28 -0.06
CA THR B 320 -10.26 0.89 -1.43
C THR B 320 -10.80 1.90 -2.43
N LEU B 321 -12.06 2.31 -2.27
CA LEU B 321 -12.67 3.20 -3.25
C LEU B 321 -12.02 4.57 -3.26
N SER B 322 -11.55 5.05 -2.10
CA SER B 322 -10.82 6.32 -2.06
C SER B 322 -9.57 6.26 -2.92
N LYS B 323 -8.81 5.17 -2.82
CA LYS B 323 -7.61 5.02 -3.63
C LYS B 323 -7.93 4.95 -5.12
N LEU B 324 -9.15 4.56 -5.48
CA LEU B 324 -9.56 4.54 -6.88
C LEU B 324 -10.11 5.87 -7.36
N GLY B 325 -10.18 6.88 -6.50
CA GLY B 325 -10.62 8.20 -6.90
C GLY B 325 -12.01 8.60 -6.44
N ILE B 326 -12.71 7.73 -5.71
CA ILE B 326 -14.02 8.04 -5.17
C ILE B 326 -13.82 8.46 -3.72
N VAL B 327 -13.79 9.76 -3.47
CA VAL B 327 -13.45 10.26 -2.14
C VAL B 327 -14.52 11.21 -1.61
N ASP B 328 -15.25 11.88 -2.52
CA ASP B 328 -16.22 12.89 -2.10
C ASP B 328 -17.25 12.32 -1.16
N VAL B 329 -17.93 11.25 -1.58
CA VAL B 329 -19.09 10.73 -0.86
C VAL B 329 -18.72 10.30 0.55
N PHE B 330 -17.45 10.05 0.82
CA PHE B 330 -17.00 9.67 2.16
C PHE B 330 -16.51 10.86 2.98
N SER B 331 -16.32 12.02 2.37
CA SER B 331 -15.72 13.16 3.04
C SER B 331 -16.81 14.08 3.61
N ASN B 332 -16.36 15.15 4.27
CA ASN B 332 -17.27 16.09 4.90
C ASN B 332 -17.96 17.01 3.90
N HIS B 333 -17.36 17.24 2.73
CA HIS B 333 -17.96 18.10 1.71
C HIS B 333 -18.72 17.30 0.66
N ALA B 334 -19.28 16.15 1.04
CA ALA B 334 -20.09 15.37 0.12
C ALA B 334 -21.45 16.03 -0.06
N ASP B 335 -21.94 16.03 -1.30
CA ASP B 335 -23.27 16.56 -1.61
C ASP B 335 -24.16 15.36 -1.93
N LEU B 336 -24.81 14.85 -0.90
CA LEU B 336 -25.79 13.77 -1.03
C LEU B 336 -27.21 14.32 -0.82
N SER B 337 -27.44 15.55 -1.28
CA SER B 337 -28.74 16.20 -1.11
C SER B 337 -29.84 15.50 -1.88
N GLY B 338 -29.50 14.59 -2.82
CA GLY B 338 -30.51 13.77 -3.45
C GLY B 338 -31.07 12.70 -2.53
N ILE B 339 -30.35 12.38 -1.45
CA ILE B 339 -30.85 11.46 -0.44
C ILE B 339 -31.62 12.19 0.64
N THR B 340 -31.03 13.23 1.23
CA THR B 340 -31.65 13.98 2.30
C THR B 340 -30.97 15.34 2.40
N ASP B 341 -31.75 16.35 2.79
CA ASP B 341 -31.22 17.68 3.07
C ASP B 341 -30.71 17.75 4.52
N GLU B 342 -29.72 16.92 4.80
CA GLU B 342 -29.05 16.89 6.10
C GLU B 342 -27.67 17.50 5.96
N SER B 343 -27.23 18.20 7.01
CA SER B 343 -25.95 18.91 6.99
C SER B 343 -24.80 17.90 6.92
N HIS B 344 -23.96 18.03 5.89
CA HIS B 344 -22.73 17.25 5.75
C HIS B 344 -23.01 15.75 5.66
N LEU B 345 -24.10 15.39 4.97
CA LEU B 345 -24.42 13.99 4.77
C LEU B 345 -23.33 13.29 3.98
N LYS B 346 -22.73 12.25 4.56
CA LYS B 346 -21.68 11.49 3.91
C LYS B 346 -21.87 10.02 4.20
N VAL B 347 -21.11 9.18 3.50
CA VAL B 347 -21.08 7.75 3.75
C VAL B 347 -19.99 7.49 4.77
N SER B 348 -20.37 7.04 5.96
CA SER B 348 -19.42 6.80 7.04
C SER B 348 -18.80 5.41 6.96
N LYS B 349 -19.60 4.41 6.57
CA LYS B 349 -19.14 3.02 6.54
C LYS B 349 -19.65 2.38 5.27
N ALA B 350 -18.76 1.68 4.55
CA ALA B 350 -19.12 0.92 3.36
C ALA B 350 -18.44 -0.45 3.47
N ILE B 351 -19.23 -1.49 3.61
CA ILE B 351 -18.74 -2.84 3.83
C ILE B 351 -19.23 -3.74 2.70
N HIS B 352 -18.34 -4.61 2.21
CA HIS B 352 -18.66 -5.57 1.18
C HIS B 352 -18.22 -6.95 1.64
N LYS B 353 -19.17 -7.86 1.79
CA LYS B 353 -18.88 -9.23 2.16
C LYS B 353 -19.32 -10.16 1.03
N ALA B 354 -18.42 -11.00 0.56
CA ALA B 354 -18.71 -11.97 -0.49
C ALA B 354 -18.26 -13.35 -0.03
N MET B 355 -19.04 -14.37 -0.36
CA MET B 355 -18.75 -15.74 0.03
C MET B 355 -18.86 -16.64 -1.20
N MET B 356 -17.89 -17.55 -1.35
CA MET B 356 -17.91 -18.55 -2.41
C MET B 356 -17.73 -19.94 -1.83
N SER B 357 -18.42 -20.91 -2.42
CA SER B 357 -18.37 -22.30 -1.97
C SER B 357 -18.07 -23.21 -3.14
N PHE B 358 -17.15 -24.15 -2.93
CA PHE B 358 -16.85 -25.21 -3.89
C PHE B 358 -17.26 -26.55 -3.28
N ASP B 359 -18.28 -27.18 -3.86
CA ASP B 359 -18.60 -28.55 -3.49
CA ASP B 359 -18.70 -28.53 -3.51
C ASP B 359 -18.66 -29.41 -4.76
N GLU B 360 -19.05 -30.68 -4.61
CA GLU B 360 -18.93 -31.61 -5.72
C GLU B 360 -20.07 -31.50 -6.73
N HIS B 361 -21.32 -31.60 -6.27
CA HIS B 361 -22.44 -31.85 -7.15
C HIS B 361 -23.08 -30.59 -7.72
N GLY B 362 -22.51 -29.41 -7.43
CA GLY B 362 -23.03 -28.18 -7.99
C GLY B 362 -24.22 -27.60 -7.24
N ALA B 373 -12.22 -45.47 -18.66
CA ALA B 373 -11.54 -44.60 -19.62
C ALA B 373 -10.05 -44.50 -19.29
N ASP B 374 -9.23 -45.25 -20.03
CA ASP B 374 -7.79 -45.23 -19.86
C ASP B 374 -7.16 -44.55 -21.07
N PRO B 375 -6.65 -43.33 -20.93
CA PRO B 375 -6.09 -42.62 -22.09
C PRO B 375 -4.75 -43.21 -22.51
N LEU B 376 -4.41 -42.97 -23.78
CA LEU B 376 -3.12 -43.40 -24.31
C LEU B 376 -1.97 -42.73 -23.57
N MET B 377 -2.14 -41.47 -23.23
CA MET B 377 -1.14 -40.70 -22.51
C MET B 377 -1.80 -40.04 -21.31
N LEU B 378 -1.12 -40.06 -20.17
CA LEU B 378 -1.66 -39.45 -18.96
C LEU B 378 -1.89 -37.97 -19.19
N PRO B 379 -3.11 -37.46 -19.00
CA PRO B 379 -3.38 -36.05 -19.25
C PRO B 379 -2.62 -35.16 -18.27
N PRO B 380 -2.39 -33.90 -18.63
CA PRO B 380 -1.81 -32.97 -17.66
C PRO B 380 -2.75 -32.79 -16.47
N HIS B 381 -2.18 -32.72 -15.28
CA HIS B 381 -2.95 -32.63 -14.04
C HIS B 381 -2.98 -31.17 -13.60
N PHE B 382 -4.12 -30.52 -13.82
CA PHE B 382 -4.34 -29.14 -13.37
C PHE B 382 -4.82 -29.19 -11.92
N LYS B 383 -3.87 -29.18 -10.99
CA LYS B 383 -4.15 -29.25 -9.57
C LYS B 383 -3.91 -27.89 -8.95
N PHE B 384 -4.97 -27.29 -8.40
CA PHE B 384 -4.87 -25.94 -7.85
C PHE B 384 -4.60 -26.03 -6.34
N ASP B 385 -3.36 -26.41 -6.03
CA ASP B 385 -2.90 -26.60 -4.66
C ASP B 385 -1.88 -25.54 -4.24
N TYR B 386 -1.77 -24.47 -5.01
CA TYR B 386 -0.99 -23.28 -4.69
C TYR B 386 -1.94 -22.09 -4.76
N PRO B 387 -1.58 -20.96 -4.16
CA PRO B 387 -2.43 -19.77 -4.25
C PRO B 387 -2.80 -19.48 -5.70
N PHE B 388 -4.09 -19.24 -5.92
CA PHE B 388 -4.59 -19.01 -7.27
C PHE B 388 -5.68 -17.94 -7.23
N ILE B 389 -5.95 -17.37 -8.41
CA ILE B 389 -6.99 -16.37 -8.56
C ILE B 389 -8.14 -16.96 -9.36
N PHE B 390 -9.31 -16.34 -9.19
CA PHE B 390 -10.52 -16.82 -9.85
C PHE B 390 -11.34 -15.65 -10.35
N ARG B 391 -12.18 -15.92 -11.35
CA ARG B 391 -13.10 -14.93 -11.86
C ARG B 391 -14.35 -15.63 -12.39
N VAL B 392 -15.51 -15.22 -11.88
CA VAL B 392 -16.80 -15.73 -12.31
C VAL B 392 -17.46 -14.65 -13.15
N GLN B 393 -17.79 -14.97 -14.40
CA GLN B 393 -18.36 -14.02 -15.33
C GLN B 393 -19.75 -14.46 -15.77
N ASP B 394 -20.69 -13.53 -15.75
CA ASP B 394 -22.02 -13.76 -16.33
C ASP B 394 -21.90 -13.74 -17.85
N LEU B 395 -22.13 -14.88 -18.50
CA LEU B 395 -21.94 -14.95 -19.93
C LEU B 395 -23.04 -14.20 -20.70
N LYS B 396 -24.15 -13.89 -20.06
CA LYS B 396 -25.21 -13.14 -20.74
C LYS B 396 -24.94 -11.65 -20.74
N THR B 397 -24.42 -11.12 -19.64
CA THR B 397 -24.15 -9.70 -19.54
C THR B 397 -22.67 -9.35 -19.68
N LYS B 398 -21.78 -10.34 -19.58
CA LYS B 398 -20.32 -10.22 -19.58
C LYS B 398 -19.80 -9.59 -18.29
N ASN B 399 -20.64 -9.30 -17.31
CA ASN B 399 -20.18 -8.65 -16.09
C ASN B 399 -19.47 -9.64 -15.18
N PRO B 400 -18.45 -9.20 -14.45
CA PRO B 400 -17.78 -10.05 -13.48
C PRO B 400 -18.60 -10.19 -12.20
N LEU B 401 -19.21 -11.36 -12.01
CA LEU B 401 -20.00 -11.62 -10.81
C LEU B 401 -19.13 -11.71 -9.57
N LEU B 402 -17.92 -12.23 -9.69
CA LEU B 402 -17.08 -12.50 -8.54
C LEU B 402 -15.64 -12.69 -9.00
N VAL B 403 -14.70 -12.07 -8.31
CA VAL B 403 -13.28 -12.26 -8.54
C VAL B 403 -12.58 -12.32 -7.19
N GLY B 404 -11.37 -12.85 -7.19
CA GLY B 404 -10.59 -12.83 -5.97
C GLY B 404 -9.43 -13.80 -6.01
N ARG B 405 -8.90 -14.09 -4.83
CA ARG B 405 -7.70 -14.90 -4.65
C ARG B 405 -7.95 -15.90 -3.55
N ILE B 406 -7.63 -17.17 -3.82
CA ILE B 406 -7.67 -18.22 -2.80
C ILE B 406 -6.24 -18.37 -2.29
N ALA B 407 -5.94 -17.73 -1.17
CA ALA B 407 -4.63 -17.83 -0.56
C ALA B 407 -4.56 -18.93 0.49
N ASN B 408 -5.70 -19.25 1.11
CA ASN B 408 -5.78 -20.33 2.13
C ASN B 408 -7.20 -20.86 2.14
N PRO B 409 -7.44 -22.09 1.66
CA PRO B 409 -8.75 -22.70 1.66
C PRO B 409 -9.31 -23.03 3.05
N GLN B 410 -8.52 -22.81 4.11
CA GLN B 410 -9.00 -23.04 5.50
C GLN B 410 -9.19 -21.70 6.23
N LYS B 411 -8.66 -20.60 5.71
CA LYS B 411 -8.86 -19.26 6.33
C LYS B 411 -9.85 -18.43 5.50
CHA BLA C . 7.93 18.14 12.46
NA BLA C . 6.49 16.83 13.96
C1A BLA C . 7.23 17.95 13.64
C2A BLA C . 7.16 18.81 14.75
C3A BLA C . 6.37 18.22 15.70
C4A BLA C . 5.94 16.95 15.20
CMA BLA C . 6.00 18.78 17.03
CAA BLA C . 7.81 20.16 14.84
CBA BLA C . 9.06 20.23 15.71
CGA BLA C . 9.60 21.63 15.89
O1A BLA C . 10.51 21.81 16.68
O2A BLA C . 9.11 22.52 15.25
CHB BLA C . 5.14 16.04 15.84
NB BLA C . 3.93 14.97 14.07
C1B BLA C . 4.20 15.21 15.38
C2B BLA C . 3.32 14.45 16.16
C3B BLA C . 2.33 13.93 15.32
C4B BLA C . 2.74 14.31 13.96
CMB BLA C . 3.38 14.20 17.64
OB BLA C . 2.17 14.08 12.92
CAB BLA C . 1.21 13.23 15.71
CBB BLA C . 0.29 12.65 14.99
NC BLA C . 8.48 13.17 12.63
C1C BLA C . 9.01 12.11 13.32
C2C BLA C . 9.23 11.06 12.37
C3C BLA C . 8.93 11.59 11.12
C4C BLA C . 8.71 12.97 11.29
CMC BLA C . 9.71 9.68 12.64
OC BLA C . 9.25 12.11 14.49
CAC BLA C . 8.91 10.80 9.97
CBC BLA C . 8.78 11.11 8.71
CHD BLA C . 8.72 13.96 10.36
ND BLA C . 8.03 15.87 11.63
C1D BLA C . 8.57 15.30 10.54
C2D BLA C . 8.96 16.32 9.59
C3D BLA C . 8.76 17.51 10.19
C4D BLA C . 8.23 17.21 11.50
CMD BLA C . 9.47 16.06 8.21
CAD BLA C . 8.97 18.88 9.64
CBD BLA C . 7.72 19.48 9.03
CGD BLA C . 7.84 20.91 8.59
O1D BLA C . 8.76 21.58 8.99
O2D BLA C . 7.00 21.34 7.84
CHA BLA D . -11.02 -12.92 -18.64
NA BLA D . -8.66 -13.41 -18.18
C1A BLA D . -9.86 -13.65 -18.82
C2A BLA D . -9.67 -14.73 -19.67
C3A BLA D . -8.38 -15.15 -19.55
C4A BLA D . -7.72 -14.32 -18.60
CMA BLA D . -7.73 -16.29 -20.26
CAA BLA D . -10.74 -15.31 -20.55
CBA BLA D . -11.34 -16.61 -20.06
CGA BLA D . -12.24 -17.29 -21.08
O1A BLA D . -12.69 -18.37 -20.80
O2A BLA D . -12.49 -16.71 -22.12
CHB BLA D . -6.41 -14.38 -18.18
NB BLA D . -5.78 -12.11 -17.73
C1B BLA D . -5.52 -13.43 -17.89
C2B BLA D . -4.14 -13.62 -17.67
C3B BLA D . -3.52 -12.36 -17.60
C4B BLA D . -4.62 -11.40 -17.70
CMB BLA D . -3.44 -14.94 -17.52
OB BLA D . -4.57 -10.19 -17.74
CAB BLA D . -2.15 -12.12 -17.48
CBB BLA D . -1.51 -11.00 -17.47
NC BLA D . -9.31 -12.40 -14.03
C1C BLA D . -8.81 -12.98 -12.90
C2C BLA D . -9.01 -12.06 -11.82
C3C BLA D . -9.65 -10.96 -12.36
C4C BLA D . -10.01 -11.26 -13.69
CMC BLA D . -8.65 -12.23 -10.37
OC BLA D . -8.31 -14.08 -12.88
CAC BLA D . -9.90 -9.82 -11.62
CBC BLA D . -10.01 -8.60 -12.00
CHD BLA D . -10.86 -10.60 -14.50
ND BLA D . -10.58 -11.86 -16.52
C1D BLA D . -11.24 -10.95 -15.74
C2D BLA D . -12.37 -10.42 -16.47
C3D BLA D . -12.46 -11.13 -17.62
C4D BLA D . -11.34 -12.04 -17.63
CMD BLA D . -13.26 -9.31 -16.02
CAD BLA D . -13.46 -10.98 -18.73
CBD BLA D . -12.97 -10.10 -19.87
CGD BLA D . -13.96 -9.92 -21.00
O1D BLA D . -14.65 -10.87 -21.31
O2D BLA D . -14.00 -8.84 -21.56
#